data_4X8B
#
_entry.id   4X8B
#
_cell.length_a   134.780
_cell.length_b   134.780
_cell.length_c   141.204
_cell.angle_alpha   90.000
_cell.angle_beta   90.000
_cell.angle_gamma   90.000
#
_symmetry.space_group_name_H-M   'P 43 21 2'
#
loop_
_entity.id
_entity.type
_entity.pdbx_description
1 polymer 'Sulfoxide synthase EgtB'
2 non-polymer GLYCEROL
3 non-polymer 'CHLORIDE ION'
4 non-polymer 'MAGNESIUM ION'
5 non-polymer 'FE (III) ION'
6 non-polymer 'CALCIUM ION'
7 water water
#
_entity_poly.entity_id   1
_entity_poly.type   'polypeptide(L)'
_entity_poly.pdbx_seq_one_letter_code
;GHMGVAVPHRAELARQLIDARNRTLRLVDFDDAELRRQYDPLMSPLVWDLAHIGQQEELWLLRGGDPRRPGLLEPAVEQL
YDAFVHPRASRVHLPLLSPAQARRFCATVRSAVLDALDRLPEDADTFAFGMVVSHEHQHDETMLQALNLRSGEPLLGSGT
ALPPGRPGVAGTSVLVPGGPFVLGVDLADEPYALDNERPAHVVDVPAFRIGRVPVTNAEWRAFIDDGGYRQRRWWSDAGW
AYRCEAGLTAPQFWNPDGTRTRFGHVEDIPPDEPVQHVTYFEAEAYAAWAGARLPTEIEWEKACAWDPATGRRRRYPWGD
AAPTAALANLGGDALRPAPVGAYPAGASACGAEQMLGDVWEWTSSPLRPWPGFTPMIYQRYSQPFFEGAGSGDYRVLRGG
SWAVAADILRPSFRNWDHPIRRQIFAGVRLAWDVDRQTARPGPVGGC
;
_entity_poly.pdbx_strand_id   A,B
#
loop_
_chem_comp.id
_chem_comp.type
_chem_comp.name
_chem_comp.formula
CA non-polymer 'CALCIUM ION' 'Ca 2'
CL non-polymer 'CHLORIDE ION' 'Cl -1'
FE non-polymer 'FE (III) ION' 'Fe 3'
GOL non-polymer GLYCEROL 'C3 H8 O3'
MG non-polymer 'MAGNESIUM ION' 'Mg 2'
#
# COMPACT_ATOMS: atom_id res chain seq x y z
N PRO A 8 -0.04 -12.42 -16.04
CA PRO A 8 -1.03 -13.04 -15.17
C PRO A 8 -2.34 -12.35 -15.41
N HIS A 9 -3.03 -11.99 -14.34
CA HIS A 9 -3.99 -10.92 -14.46
C HIS A 9 -3.12 -9.71 -14.80
N ARG A 10 -3.63 -8.89 -15.70
CA ARG A 10 -3.07 -7.57 -15.89
C ARG A 10 -3.08 -6.84 -14.55
N ALA A 11 -4.06 -7.17 -13.71
CA ALA A 11 -4.20 -6.52 -12.40
C ALA A 11 -3.03 -6.90 -11.50
N GLU A 12 -2.61 -8.16 -11.56
CA GLU A 12 -1.42 -8.61 -10.80
C GLU A 12 -0.13 -7.95 -11.29
N LEU A 13 0.03 -7.76 -12.60
CA LEU A 13 1.20 -7.04 -13.12
C LEU A 13 1.21 -5.61 -12.67
N ALA A 14 0.05 -4.95 -12.72
CA ALA A 14 -0.05 -3.58 -12.26
C ALA A 14 0.35 -3.52 -10.79
N ARG A 15 -0.18 -4.45 -10.00
CA ARG A 15 0.16 -4.55 -8.58
CA ARG A 15 0.13 -4.52 -8.59
C ARG A 15 1.66 -4.67 -8.41
N GLN A 16 2.30 -5.51 -9.21
CA GLN A 16 3.77 -5.69 -9.08
C GLN A 16 4.56 -4.44 -9.48
N LEU A 17 4.15 -3.80 -10.57
CA LEU A 17 4.79 -2.55 -10.96
C LEU A 17 4.63 -1.47 -9.88
N ILE A 18 3.43 -1.38 -9.31
CA ILE A 18 3.16 -0.37 -8.29
C ILE A 18 3.99 -0.67 -7.03
N ASP A 19 4.10 -1.95 -6.63
CA ASP A 19 4.89 -2.28 -5.43
C ASP A 19 6.35 -1.92 -5.66
N ALA A 20 6.87 -2.20 -6.85
CA ALA A 20 8.26 -1.85 -7.17
C ALA A 20 8.45 -0.35 -7.06
N ARG A 21 7.53 0.42 -7.63
CA ARG A 21 7.67 1.87 -7.60
C ARG A 21 7.53 2.43 -6.19
N ASN A 22 6.65 1.84 -5.38
CA ASN A 22 6.55 2.23 -3.97
C ASN A 22 7.90 2.09 -3.29
N ARG A 23 8.56 0.99 -3.58
CA ARG A 23 9.86 0.70 -3.01
C ARG A 23 10.90 1.76 -3.42
N THR A 24 10.95 2.01 -4.71
CA THR A 24 11.84 3.04 -5.28
C THR A 24 11.63 4.39 -4.62
N LEU A 25 10.37 4.78 -4.47
CA LEU A 25 10.08 6.10 -3.97
C LEU A 25 10.43 6.20 -2.48
N ARG A 26 10.30 5.12 -1.70
CA ARG A 26 10.79 5.12 -0.32
C ARG A 26 12.32 5.32 -0.31
N LEU A 27 13.03 4.64 -1.23
CA LEU A 27 14.48 4.72 -1.24
C LEU A 27 15.03 6.05 -1.73
N VAL A 28 14.19 6.90 -2.33
CA VAL A 28 14.61 8.24 -2.69
C VAL A 28 13.80 9.33 -1.96
N ASP A 29 13.17 8.97 -0.84
CA ASP A 29 12.42 9.94 -0.03
C ASP A 29 13.33 10.68 0.94
N PHE A 30 14.30 11.38 0.35
CA PHE A 30 15.29 12.18 1.07
C PHE A 30 15.46 13.51 0.36
N ASP A 31 16.17 14.42 1.02
CA ASP A 31 16.52 15.72 0.43
C ASP A 31 17.24 15.59 -0.90
N ASP A 32 17.03 16.57 -1.78
CA ASP A 32 17.66 16.55 -3.11
C ASP A 32 19.16 16.36 -3.01
N ALA A 33 19.80 17.02 -2.04
CA ALA A 33 21.25 16.93 -1.91
C ALA A 33 21.70 15.50 -1.63
N GLU A 34 20.91 14.76 -0.84
CA GLU A 34 21.23 13.35 -0.61
C GLU A 34 21.18 12.53 -1.88
N LEU A 35 20.18 12.81 -2.72
CA LEU A 35 20.00 12.03 -3.94
C LEU A 35 21.06 12.33 -4.98
N ARG A 36 21.73 13.47 -4.87
CA ARG A 36 22.77 13.86 -5.82
C ARG A 36 24.17 13.45 -5.37
N ARG A 37 24.30 13.02 -4.11
CA ARG A 37 25.59 12.64 -3.53
C ARG A 37 26.15 11.36 -4.14
N GLN A 38 27.47 11.30 -4.26
CA GLN A 38 28.16 10.04 -4.51
C GLN A 38 28.58 9.45 -3.17
N TYR A 39 27.92 8.38 -2.75
CA TYR A 39 28.26 7.78 -1.46
C TYR A 39 29.59 7.02 -1.52
N ASP A 40 29.90 6.51 -2.70
CA ASP A 40 31.12 5.74 -2.96
C ASP A 40 31.26 5.71 -4.48
N PRO A 41 32.49 5.80 -5.02
CA PRO A 41 32.66 5.81 -6.48
C PRO A 41 32.17 4.55 -7.17
N LEU A 42 31.95 3.47 -6.44
CA LEU A 42 31.36 2.28 -7.03
C LEU A 42 29.91 2.49 -7.46
N MET A 43 29.27 3.50 -6.88
CA MET A 43 27.81 3.63 -6.97
C MET A 43 27.34 4.92 -7.64
N SER A 44 26.27 4.82 -8.44
CA SER A 44 25.57 5.99 -8.97
C SER A 44 24.97 6.83 -7.85
N PRO A 45 24.82 8.14 -8.08
CA PRO A 45 23.92 8.86 -7.17
C PRO A 45 22.51 8.27 -7.26
N LEU A 46 21.75 8.30 -6.17
CA LEU A 46 20.39 7.74 -6.20
C LEU A 46 19.52 8.36 -7.30
N VAL A 47 19.71 9.65 -7.59
CA VAL A 47 18.89 10.31 -8.60
C VAL A 47 19.17 9.75 -10.00
N TRP A 48 20.31 9.11 -10.19
CA TRP A 48 20.60 8.48 -11.46
C TRP A 48 19.76 7.21 -11.60
N ASP A 49 19.73 6.38 -10.56
CA ASP A 49 18.92 5.18 -10.61
C ASP A 49 17.45 5.51 -10.79
N LEU A 50 17.00 6.59 -10.13
CA LEU A 50 15.59 6.98 -10.26
C LEU A 50 15.19 7.24 -11.71
N ALA A 51 15.93 8.12 -12.39
CA ALA A 51 15.61 8.43 -13.78
C ALA A 51 15.89 7.24 -14.71
N HIS A 52 16.93 6.46 -14.42
CA HIS A 52 17.26 5.29 -15.22
C HIS A 52 16.10 4.27 -15.17
N ILE A 53 15.52 4.09 -13.98
CA ILE A 53 14.38 3.20 -13.82
C ILE A 53 13.23 3.63 -14.76
N GLY A 54 12.91 4.91 -14.75
CA GLY A 54 11.87 5.43 -15.64
C GLY A 54 12.19 5.32 -17.10
N GLN A 55 13.47 5.58 -17.45
CA GLN A 55 13.89 5.55 -18.83
C GLN A 55 13.83 4.12 -19.39
N GLN A 56 14.22 3.16 -18.57
CA GLN A 56 14.18 1.77 -19.00
C GLN A 56 12.71 1.30 -19.11
N GLU A 57 11.87 1.72 -18.16
CA GLU A 57 10.45 1.35 -18.24
C GLU A 57 9.84 1.88 -19.53
N GLU A 58 10.15 3.14 -19.84
CA GLU A 58 9.67 3.75 -21.08
C GLU A 58 10.18 3.00 -22.30
N LEU A 59 11.47 2.69 -22.30
CA LEU A 59 12.07 2.03 -23.46
C LEU A 59 11.44 0.67 -23.71
N TRP A 60 11.31 -0.17 -22.69
CA TRP A 60 10.90 -1.55 -22.91
C TRP A 60 9.39 -1.70 -23.02
N LEU A 61 8.62 -0.80 -22.41
CA LEU A 61 7.17 -0.95 -22.40
C LEU A 61 6.43 0.00 -23.33
N LEU A 62 6.97 1.19 -23.57
CA LEU A 62 6.28 2.15 -24.46
C LEU A 62 6.93 2.32 -25.82
N ARG A 63 8.21 1.93 -25.95
CA ARG A 63 8.94 2.12 -27.19
C ARG A 63 9.42 0.81 -27.81
N GLY A 64 8.88 -0.31 -27.33
CA GLY A 64 9.17 -1.61 -27.92
C GLY A 64 10.64 -1.96 -27.96
N GLY A 65 11.40 -1.37 -27.05
CA GLY A 65 12.83 -1.59 -26.97
C GLY A 65 13.64 -0.96 -28.08
N ASP A 66 13.00 -0.11 -28.90
CA ASP A 66 13.66 0.51 -30.05
C ASP A 66 13.96 1.99 -29.74
N PRO A 67 15.23 2.32 -29.46
CA PRO A 67 15.58 3.69 -29.06
C PRO A 67 15.35 4.72 -30.16
N ARG A 68 15.11 4.24 -31.37
CA ARG A 68 14.81 5.12 -32.49
C ARG A 68 13.36 5.62 -32.41
N ARG A 69 12.50 4.90 -31.67
CA ARG A 69 11.16 5.39 -31.42
CA ARG A 69 11.15 5.40 -31.45
C ARG A 69 11.22 6.55 -30.43
N PRO A 70 10.46 7.62 -30.69
CA PRO A 70 10.57 8.79 -29.81
C PRO A 70 10.27 8.51 -28.36
N GLY A 71 11.03 9.13 -27.48
CA GLY A 71 10.77 9.09 -26.06
C GLY A 71 10.55 10.50 -25.54
N LEU A 72 10.24 10.64 -24.26
CA LEU A 72 10.01 11.97 -23.70
C LEU A 72 11.27 12.83 -23.62
N LEU A 73 12.41 12.19 -23.41
CA LEU A 73 13.68 12.92 -23.26
C LEU A 73 14.38 13.09 -24.60
N GLU A 74 15.13 14.18 -24.75
CA GLU A 74 16.04 14.29 -25.90
C GLU A 74 16.95 13.07 -25.87
N PRO A 75 17.23 12.48 -27.03
CA PRO A 75 18.16 11.34 -27.01
C PRO A 75 19.49 11.57 -26.25
N ALA A 76 20.11 12.73 -26.38
CA ALA A 76 21.35 13.00 -25.63
C ALA A 76 21.14 13.00 -24.10
N VAL A 77 19.97 13.46 -23.65
CA VAL A 77 19.62 13.38 -22.22
C VAL A 77 19.36 11.93 -21.80
N GLU A 78 18.61 11.21 -22.63
CA GLU A 78 18.33 9.81 -22.39
C GLU A 78 19.62 8.98 -22.23
N GLN A 79 20.63 9.32 -23.02
CA GLN A 79 21.88 8.55 -23.05
C GLN A 79 22.70 8.74 -21.76
N LEU A 80 22.36 9.76 -20.95
CA LEU A 80 23.00 9.88 -19.62
C LEU A 80 22.68 8.68 -18.75
N TYR A 81 21.59 7.99 -19.09
CA TYR A 81 21.13 6.85 -18.28
C TYR A 81 21.47 5.50 -18.91
N ASP A 82 22.36 5.52 -19.91
CA ASP A 82 22.86 4.32 -20.54
C ASP A 82 24.06 3.80 -19.76
N ALA A 83 23.86 2.70 -19.04
CA ALA A 83 24.88 2.22 -18.15
C ALA A 83 26.15 1.80 -18.86
N PHE A 84 26.07 1.44 -20.14
CA PHE A 84 27.24 1.03 -20.90
C PHE A 84 28.14 2.19 -21.30
N VAL A 85 27.54 3.36 -21.44
CA VAL A 85 28.26 4.56 -21.86
C VAL A 85 28.98 5.24 -20.69
N HIS A 86 28.37 5.22 -19.50
CA HIS A 86 28.85 6.03 -18.39
C HIS A 86 29.26 5.17 -17.21
N PRO A 87 30.57 5.05 -16.95
CA PRO A 87 31.01 4.26 -15.79
C PRO A 87 30.39 4.81 -14.51
N ARG A 88 30.13 3.92 -13.56
CA ARG A 88 29.52 4.33 -12.30
C ARG A 88 30.11 5.59 -11.66
N ALA A 89 31.43 5.63 -11.54
CA ALA A 89 32.05 6.73 -10.80
C ALA A 89 31.81 8.09 -11.45
N SER A 90 31.61 8.10 -12.75
CA SER A 90 31.48 9.37 -13.48
C SER A 90 30.09 9.97 -13.34
N ARG A 91 29.13 9.18 -12.89
CA ARG A 91 27.74 9.58 -13.00
C ARG A 91 27.38 10.76 -12.09
N VAL A 92 28.10 10.91 -10.98
CA VAL A 92 27.82 12.00 -10.07
C VAL A 92 28.06 13.37 -10.72
N HIS A 93 28.93 13.42 -11.73
CA HIS A 93 29.30 14.68 -12.39
C HIS A 93 28.50 14.96 -13.65
N LEU A 94 27.71 14.00 -14.09
CA LEU A 94 26.89 14.18 -15.28
C LEU A 94 25.78 15.21 -15.04
N PRO A 95 25.32 15.87 -16.11
CA PRO A 95 24.25 16.87 -16.05
C PRO A 95 22.87 16.21 -15.99
N LEU A 96 22.64 15.49 -14.88
CA LEU A 96 21.43 14.69 -14.69
C LEU A 96 20.19 15.53 -14.43
N LEU A 97 19.04 14.95 -14.76
CA LEU A 97 17.75 15.48 -14.32
C LEU A 97 17.77 15.64 -12.81
N SER A 98 17.16 16.73 -12.34
CA SER A 98 16.98 16.93 -10.90
C SER A 98 16.07 15.87 -10.33
N PRO A 99 16.06 15.74 -9.00
CA PRO A 99 15.07 14.83 -8.42
C PRO A 99 13.63 15.18 -8.84
N ALA A 100 13.25 16.43 -8.85
CA ALA A 100 11.89 16.79 -9.21
C ALA A 100 11.61 16.39 -10.65
N GLN A 101 12.55 16.67 -11.54
CA GLN A 101 12.37 16.28 -12.96
C GLN A 101 12.27 14.78 -13.14
N ALA A 102 13.10 14.04 -12.41
CA ALA A 102 13.14 12.60 -12.51
C ALA A 102 11.84 12.00 -11.98
N ARG A 103 11.32 12.51 -10.86
CA ARG A 103 10.06 12.00 -10.35
C ARG A 103 8.92 12.27 -11.34
N ARG A 104 8.91 13.45 -11.94
CA ARG A 104 7.87 13.82 -12.89
C ARG A 104 7.93 12.93 -14.12
N PHE A 105 9.15 12.68 -14.61
CA PHE A 105 9.37 11.83 -15.77
C PHE A 105 8.86 10.41 -15.47
N CYS A 106 9.25 9.86 -14.31
CA CYS A 106 8.86 8.50 -13.94
C CYS A 106 7.33 8.39 -13.85
N ALA A 107 6.70 9.42 -13.29
CA ALA A 107 5.25 9.40 -13.13
C ALA A 107 4.53 9.46 -14.47
N THR A 108 5.04 10.29 -15.38
CA THR A 108 4.44 10.43 -16.71
C THR A 108 4.52 9.09 -17.47
N VAL A 109 5.69 8.47 -17.37
CA VAL A 109 5.92 7.17 -18.00
C VAL A 109 4.98 6.11 -17.39
N ARG A 110 4.89 6.11 -16.06
CA ARG A 110 4.08 5.10 -15.36
C ARG A 110 2.60 5.21 -15.71
N SER A 111 2.08 6.44 -15.79
CA SER A 111 0.68 6.63 -16.19
C SER A 111 0.43 5.99 -17.56
N ALA A 112 1.36 6.20 -18.49
CA ALA A 112 1.21 5.70 -19.85
C ALA A 112 1.32 4.18 -19.88
N VAL A 113 2.19 3.63 -19.02
CA VAL A 113 2.40 2.19 -18.90
C VAL A 113 1.15 1.51 -18.34
N LEU A 114 0.54 2.10 -17.30
CA LEU A 114 -0.69 1.51 -16.77
C LEU A 114 -1.82 1.55 -17.80
N ASP A 115 -1.89 2.62 -18.59
CA ASP A 115 -2.89 2.71 -19.66
CA ASP A 115 -2.88 2.71 -19.66
C ASP A 115 -2.63 1.65 -20.74
N ALA A 116 -1.37 1.47 -21.10
CA ALA A 116 -0.98 0.47 -22.10
C ALA A 116 -1.36 -0.94 -21.64
N LEU A 117 -1.11 -1.23 -20.37
CA LEU A 117 -1.45 -2.53 -19.82
C LEU A 117 -2.95 -2.77 -19.90
N ASP A 118 -3.74 -1.75 -19.58
CA ASP A 118 -5.20 -1.81 -19.74
C ASP A 118 -5.64 -2.17 -21.15
N ARG A 119 -4.92 -1.64 -22.12
CA ARG A 119 -5.36 -1.67 -23.51
CA ARG A 119 -5.35 -1.66 -23.51
C ARG A 119 -4.88 -2.90 -24.27
N LEU A 120 -3.94 -3.65 -23.66
CA LEU A 120 -3.42 -4.85 -24.32
C LEU A 120 -4.52 -5.86 -24.70
N PRO A 121 -4.45 -6.40 -25.93
CA PRO A 121 -5.41 -7.44 -26.33
C PRO A 121 -5.44 -8.61 -25.35
N GLU A 122 -6.55 -9.33 -25.32
CA GLU A 122 -6.64 -10.54 -24.51
C GLU A 122 -5.55 -11.51 -24.94
N ASP A 123 -4.93 -12.20 -23.98
CA ASP A 123 -3.95 -13.23 -24.28
C ASP A 123 -2.69 -12.68 -24.96
N ALA A 124 -2.48 -11.36 -24.89
CA ALA A 124 -1.27 -10.76 -25.44
C ALA A 124 -0.07 -11.12 -24.58
N ASP A 125 1.11 -11.13 -25.20
CA ASP A 125 2.35 -11.41 -24.46
C ASP A 125 2.65 -10.27 -23.50
N THR A 126 2.98 -10.61 -22.25
CA THR A 126 3.28 -9.59 -21.27
C THR A 126 4.69 -9.69 -20.68
N PHE A 127 5.56 -10.45 -21.35
CA PHE A 127 6.88 -10.71 -20.80
C PHE A 127 7.60 -9.43 -20.38
N ALA A 128 7.60 -8.44 -21.26
CA ALA A 128 8.35 -7.21 -20.99
C ALA A 128 7.92 -6.54 -19.69
N PHE A 129 6.64 -6.63 -19.35
CA PHE A 129 6.15 -6.04 -18.10
C PHE A 129 6.81 -6.71 -16.88
N GLY A 130 6.91 -8.04 -16.90
CA GLY A 130 7.58 -8.74 -15.83
C GLY A 130 9.07 -8.47 -15.78
N MET A 131 9.66 -8.31 -16.97
CA MET A 131 11.07 -7.98 -17.08
C MET A 131 11.36 -6.64 -16.41
N VAL A 132 10.46 -5.68 -16.61
CA VAL A 132 10.65 -4.35 -16.04
C VAL A 132 10.42 -4.36 -14.52
N VAL A 133 9.45 -5.15 -14.04
CA VAL A 133 9.34 -5.35 -12.59
C VAL A 133 10.66 -5.82 -12.00
N SER A 134 11.30 -6.80 -12.66
CA SER A 134 12.58 -7.30 -12.21
C SER A 134 13.64 -6.18 -12.25
N HIS A 135 13.69 -5.47 -13.37
CA HIS A 135 14.65 -4.39 -13.49
C HIS A 135 14.55 -3.38 -12.35
N GLU A 136 13.34 -2.95 -12.02
CA GLU A 136 13.19 -1.91 -11.01
C GLU A 136 13.59 -2.44 -9.63
N HIS A 137 13.12 -3.63 -9.28
CA HIS A 137 13.51 -4.22 -8.00
C HIS A 137 15.02 -4.44 -7.90
N GLN A 138 15.67 -4.81 -9.00
CA GLN A 138 17.13 -4.96 -8.99
C GLN A 138 17.83 -3.63 -8.69
N HIS A 139 17.35 -2.53 -9.27
CA HIS A 139 17.88 -1.23 -8.94
C HIS A 139 17.54 -0.82 -7.51
N ASP A 140 16.44 -1.33 -6.95
CA ASP A 140 16.15 -1.05 -5.54
C ASP A 140 17.23 -1.68 -4.68
N GLU A 141 17.66 -2.90 -5.02
CA GLU A 141 18.75 -3.52 -4.26
C GLU A 141 20.06 -2.73 -4.46
N THR A 142 20.32 -2.27 -5.68
CA THR A 142 21.50 -1.44 -5.94
C THR A 142 21.48 -0.15 -5.07
N MET A 143 20.33 0.51 -4.99
CA MET A 143 20.22 1.71 -4.17
C MET A 143 20.45 1.38 -2.68
N LEU A 144 19.98 0.21 -2.23
CA LEU A 144 20.29 -0.22 -0.86
C LEU A 144 21.79 -0.38 -0.66
N GLN A 145 22.48 -0.94 -1.65
CA GLN A 145 23.94 -1.06 -1.57
C GLN A 145 24.58 0.30 -1.35
N ALA A 146 24.07 1.29 -2.08
CA ALA A 146 24.60 2.62 -1.99
C ALA A 146 24.33 3.24 -0.62
N LEU A 147 23.11 3.09 -0.12
CA LEU A 147 22.77 3.63 1.19
C LEU A 147 23.56 2.95 2.31
N ASN A 148 23.93 1.71 2.12
CA ASN A 148 24.76 1.01 3.13
C ASN A 148 26.19 1.54 3.13
N LEU A 149 26.65 2.02 1.97
CA LEU A 149 28.00 2.60 1.86
C LEU A 149 28.09 4.00 2.38
N ARG A 150 26.96 4.71 2.40
CA ARG A 150 26.94 6.08 2.84
C ARG A 150 27.51 6.28 4.22
N SER A 151 28.44 7.23 4.34
CA SER A 151 29.01 7.59 5.63
CA SER A 151 29.00 7.58 5.64
CA SER A 151 29.01 7.59 5.63
C SER A 151 28.09 8.60 6.32
N GLY A 152 27.90 8.40 7.62
CA GLY A 152 27.13 9.35 8.41
C GLY A 152 26.01 8.71 9.19
N GLU A 153 25.31 9.55 9.94
CA GLU A 153 24.18 9.10 10.74
C GLU A 153 23.15 8.39 9.85
N PRO A 154 22.53 7.33 10.37
CA PRO A 154 21.62 6.57 9.53
C PRO A 154 20.45 7.37 8.98
N LEU A 155 20.08 7.03 7.75
CA LEU A 155 18.86 7.50 7.12
C LEU A 155 17.72 6.52 7.29
N LEU A 156 18.05 5.23 7.23
CA LEU A 156 17.06 4.16 7.39
C LEU A 156 17.04 3.69 8.85
N GLY A 157 15.96 3.01 9.22
CA GLY A 157 15.93 2.33 10.50
C GLY A 157 16.87 1.14 10.49
N SER A 158 16.88 0.36 11.58
CA SER A 158 17.84 -0.74 11.67
C SER A 158 17.27 -2.09 11.20
N GLY A 159 16.00 -2.12 10.80
CA GLY A 159 15.42 -3.32 10.19
C GLY A 159 14.32 -4.01 11.00
N THR A 160 13.45 -4.72 10.30
CA THR A 160 12.35 -5.42 10.95
C THR A 160 12.79 -6.70 11.67
N ALA A 161 11.92 -7.24 12.52
CA ALA A 161 12.24 -8.44 13.30
C ALA A 161 12.42 -9.65 12.39
N LEU A 162 13.32 -10.53 12.81
CA LEU A 162 13.55 -11.81 12.15
C LEU A 162 13.40 -12.94 13.15
N PRO A 163 13.17 -14.15 12.63
CA PRO A 163 13.05 -15.27 13.57
C PRO A 163 14.40 -15.63 14.18
N PRO A 164 14.40 -16.37 15.28
CA PRO A 164 15.68 -16.81 15.83
C PRO A 164 16.26 -17.97 15.05
N GLY A 165 17.58 -18.16 15.11
CA GLY A 165 18.19 -19.34 14.54
C GLY A 165 18.02 -20.54 15.47
N ARG A 166 18.71 -21.64 15.15
CA ARG A 166 18.63 -22.81 16.02
C ARG A 166 19.95 -23.58 15.96
N PRO A 167 20.27 -24.36 17.01
CA PRO A 167 21.53 -25.10 17.03
C PRO A 167 21.52 -26.29 16.08
N GLY A 168 22.70 -26.75 15.70
CA GLY A 168 22.84 -28.01 15.02
C GLY A 168 22.91 -27.90 13.50
N VAL A 169 22.87 -26.68 12.97
CA VAL A 169 22.95 -26.51 11.51
C VAL A 169 24.29 -25.91 11.06
N ALA A 170 24.84 -24.97 11.81
CA ALA A 170 26.09 -24.33 11.38
C ALA A 170 27.21 -25.34 11.15
N GLY A 171 27.96 -25.18 10.05
N GLY A 171 27.97 -25.15 10.08
CA GLY A 171 29.10 -26.05 9.73
CA GLY A 171 29.09 -26.02 9.80
C GLY A 171 28.77 -27.35 9.01
C GLY A 171 28.70 -27.48 9.66
N THR A 172 27.51 -27.74 9.13
CA THR A 172 27.12 -29.05 8.65
C THR A 172 26.80 -29.01 7.16
N SER A 173 26.76 -30.21 6.56
CA SER A 173 26.47 -30.34 5.13
C SER A 173 25.37 -31.36 4.85
N VAL A 174 24.84 -31.27 3.63
CA VAL A 174 23.87 -32.23 3.14
C VAL A 174 24.35 -32.81 1.82
N LEU A 175 24.00 -34.07 1.61
CA LEU A 175 24.37 -34.76 0.37
C LEU A 175 23.39 -34.47 -0.77
N VAL A 176 23.93 -34.22 -1.96
CA VAL A 176 23.12 -34.07 -3.17
C VAL A 176 23.47 -35.23 -4.10
N PRO A 177 22.67 -36.28 -4.08
CA PRO A 177 23.07 -37.48 -4.83
C PRO A 177 23.28 -37.24 -6.32
N GLY A 178 24.23 -37.98 -6.88
CA GLY A 178 24.68 -37.75 -8.23
C GLY A 178 23.66 -38.16 -9.28
N GLY A 179 23.73 -37.48 -10.44
CA GLY A 179 22.94 -37.89 -11.59
C GLY A 179 22.39 -36.71 -12.36
N PRO A 180 21.60 -37.01 -13.39
CA PRO A 180 20.97 -35.97 -14.22
C PRO A 180 19.95 -35.16 -13.45
N PHE A 181 19.89 -33.90 -13.78
CA PHE A 181 18.80 -33.06 -13.29
C PHE A 181 18.52 -32.01 -14.33
N VAL A 182 17.38 -31.38 -14.19
CA VAL A 182 16.98 -30.33 -15.11
C VAL A 182 17.39 -28.96 -14.57
N LEU A 183 18.32 -28.35 -15.32
CA LEU A 183 18.86 -27.02 -15.09
C LEU A 183 18.09 -25.99 -15.91
N GLY A 184 17.78 -24.83 -15.34
CA GLY A 184 17.05 -23.81 -16.06
C GLY A 184 15.55 -24.06 -16.11
N VAL A 185 14.84 -23.14 -16.78
CA VAL A 185 13.40 -23.20 -16.89
C VAL A 185 12.97 -22.76 -18.28
N ASP A 186 11.75 -23.15 -18.63
CA ASP A 186 11.07 -22.66 -19.84
C ASP A 186 10.01 -21.60 -19.47
N LEU A 187 9.74 -20.68 -20.39
CA LEU A 187 8.70 -19.68 -20.18
C LEU A 187 7.34 -20.30 -19.87
N ALA A 188 7.09 -21.50 -20.37
CA ALA A 188 5.81 -22.17 -20.11
C ALA A 188 5.61 -22.36 -18.62
N ASP A 189 6.70 -22.56 -17.89
CA ASP A 189 6.66 -22.78 -16.46
C ASP A 189 6.89 -21.53 -15.64
N GLU A 190 7.78 -20.66 -16.13
CA GLU A 190 8.11 -19.40 -15.48
C GLU A 190 8.03 -18.29 -16.51
N PRO A 191 6.85 -17.66 -16.60
CA PRO A 191 6.57 -16.73 -17.71
C PRO A 191 7.44 -15.50 -17.72
N TYR A 192 8.10 -15.18 -16.61
CA TYR A 192 8.94 -13.99 -16.52
C TYR A 192 10.38 -14.33 -16.18
N ALA A 193 10.78 -15.57 -16.45
CA ALA A 193 12.18 -15.94 -16.29
C ALA A 193 13.01 -15.15 -17.30
N LEU A 194 14.12 -14.62 -16.82
CA LEU A 194 15.00 -13.86 -17.69
C LEU A 194 15.78 -14.78 -18.65
N ASP A 195 16.32 -14.18 -19.71
CA ASP A 195 16.81 -14.97 -20.83
C ASP A 195 17.92 -15.96 -20.41
N ASN A 196 18.78 -15.55 -19.48
CA ASN A 196 19.90 -16.41 -19.10
C ASN A 196 19.49 -17.64 -18.28
N GLU A 197 18.21 -17.70 -17.90
CA GLU A 197 17.68 -18.86 -17.13
C GLU A 197 17.18 -19.97 -18.03
N ARG A 198 17.12 -19.70 -19.33
CA ARG A 198 16.42 -20.57 -20.27
CA ARG A 198 16.43 -20.57 -20.27
C ARG A 198 17.39 -21.14 -21.30
N PRO A 199 17.07 -22.32 -21.86
CA PRO A 199 15.90 -23.15 -21.60
C PRO A 199 16.20 -24.25 -20.60
N ALA A 200 15.16 -24.92 -20.15
CA ALA A 200 15.34 -26.10 -19.33
C ALA A 200 16.08 -27.15 -20.14
N HIS A 201 17.11 -27.73 -19.55
CA HIS A 201 17.90 -28.78 -20.20
C HIS A 201 18.54 -29.67 -19.13
N VAL A 202 19.01 -30.85 -19.54
CA VAL A 202 19.55 -31.80 -18.58
C VAL A 202 21.07 -31.69 -18.51
N VAL A 203 21.57 -31.73 -17.28
CA VAL A 203 22.99 -31.81 -17.00
C VAL A 203 23.23 -32.93 -15.99
N ASP A 204 24.32 -33.67 -16.17
CA ASP A 204 24.70 -34.69 -15.21
C ASP A 204 25.64 -34.10 -14.14
N VAL A 205 25.19 -34.11 -12.90
CA VAL A 205 25.98 -33.56 -11.81
C VAL A 205 26.39 -34.68 -10.88
N PRO A 206 27.71 -34.96 -10.78
CA PRO A 206 28.17 -35.99 -9.84
C PRO A 206 27.80 -35.63 -8.39
N ALA A 207 27.78 -36.66 -7.54
CA ALA A 207 27.47 -36.48 -6.12
C ALA A 207 28.38 -35.44 -5.51
N PHE A 208 27.82 -34.57 -4.68
CA PHE A 208 28.62 -33.60 -3.94
C PHE A 208 27.85 -33.29 -2.67
N ARG A 209 28.51 -32.61 -1.73
CA ARG A 209 27.84 -32.08 -0.55
C ARG A 209 27.84 -30.56 -0.58
N ILE A 210 26.84 -29.96 0.06
CA ILE A 210 26.72 -28.51 0.10
C ILE A 210 26.37 -28.09 1.54
N GLY A 211 26.80 -26.91 1.95
CA GLY A 211 26.51 -26.46 3.29
C GLY A 211 25.03 -26.42 3.59
N ARG A 212 24.65 -26.90 4.77
CA ARG A 212 23.25 -26.86 5.19
C ARG A 212 22.76 -25.42 5.33
N VAL A 213 23.66 -24.55 5.78
CA VAL A 213 23.40 -23.12 5.90
C VAL A 213 24.65 -22.37 5.43
N PRO A 214 24.56 -21.06 5.18
CA PRO A 214 25.77 -20.30 4.88
C PRO A 214 26.79 -20.28 6.00
N VAL A 215 28.02 -19.93 5.64
CA VAL A 215 29.08 -19.61 6.57
C VAL A 215 28.67 -18.43 7.44
N THR A 216 28.87 -18.54 8.76
CA THR A 216 28.45 -17.51 9.70
C THR A 216 29.55 -16.52 10.05
N ASN A 217 29.16 -15.43 10.69
CA ASN A 217 30.14 -14.45 11.18
C ASN A 217 31.17 -15.05 12.15
N ALA A 218 30.72 -15.88 13.09
CA ALA A 218 31.66 -16.45 14.07
C ALA A 218 32.66 -17.37 13.37
N GLU A 219 32.19 -18.08 12.35
CA GLU A 219 33.06 -18.95 11.55
C GLU A 219 34.10 -18.10 10.80
N TRP A 220 33.63 -16.99 10.24
CA TRP A 220 34.54 -16.07 9.54
C TRP A 220 35.58 -15.48 10.49
N ARG A 221 35.15 -15.12 11.70
CA ARG A 221 36.09 -14.61 12.72
C ARG A 221 37.19 -15.63 13.00
N ALA A 222 36.88 -16.92 12.96
CA ALA A 222 37.91 -17.94 13.18
C ALA A 222 38.98 -17.93 12.08
N PHE A 223 38.54 -17.69 10.84
CA PHE A 223 39.43 -17.58 9.68
C PHE A 223 40.37 -16.39 9.90
N ILE A 224 39.79 -15.28 10.31
CA ILE A 224 40.59 -14.08 10.60
C ILE A 224 41.60 -14.37 11.68
N ASP A 225 41.12 -14.96 12.78
CA ASP A 225 41.99 -15.23 13.93
C ASP A 225 43.12 -16.22 13.65
N ASP A 226 42.92 -17.15 12.71
CA ASP A 226 43.96 -18.13 12.35
C ASP A 226 44.94 -17.57 11.31
N GLY A 227 44.75 -16.32 10.91
CA GLY A 227 45.64 -15.68 9.96
C GLY A 227 45.29 -15.92 8.50
N GLY A 228 44.02 -16.18 8.23
CA GLY A 228 43.56 -16.45 6.88
C GLY A 228 43.91 -15.37 5.85
N TYR A 229 43.86 -14.11 6.27
CA TYR A 229 44.19 -13.01 5.36
C TYR A 229 45.70 -12.79 5.27
N ARG A 230 46.48 -13.56 6.03
CA ARG A 230 47.93 -13.41 6.04
C ARG A 230 48.63 -14.60 5.41
N GLN A 231 47.85 -15.56 4.94
CA GLN A 231 48.39 -16.85 4.47
C GLN A 231 48.00 -17.06 3.01
N ARG A 232 48.94 -16.85 2.10
CA ARG A 232 48.61 -16.82 0.69
C ARG A 232 48.17 -18.18 0.14
N ARG A 233 48.49 -19.28 0.84
CA ARG A 233 48.22 -20.58 0.25
C ARG A 233 46.74 -20.83 0.03
N TRP A 234 45.84 -20.13 0.76
CA TRP A 234 44.40 -20.36 0.60
C TRP A 234 43.80 -19.63 -0.60
N TRP A 235 44.54 -18.68 -1.13
CA TRP A 235 44.05 -17.77 -2.15
C TRP A 235 44.54 -18.15 -3.54
N SER A 236 43.77 -17.76 -4.55
CA SER A 236 44.25 -17.86 -5.92
C SER A 236 45.29 -16.79 -6.17
N ASP A 237 46.04 -16.91 -7.26
CA ASP A 237 47.04 -15.92 -7.62
C ASP A 237 46.38 -14.54 -7.75
N ALA A 238 45.29 -14.46 -8.49
CA ALA A 238 44.58 -13.18 -8.67
C ALA A 238 43.96 -12.71 -7.36
N GLY A 239 43.44 -13.65 -6.57
CA GLY A 239 42.78 -13.28 -5.33
C GLY A 239 43.73 -12.71 -4.33
N TRP A 240 44.89 -13.34 -4.21
CA TRP A 240 45.91 -12.81 -3.31
C TRP A 240 46.41 -11.45 -3.77
N ALA A 241 46.64 -11.30 -5.07
CA ALA A 241 47.12 -10.01 -5.55
C ALA A 241 46.11 -8.92 -5.17
N TYR A 242 44.82 -9.22 -5.32
CA TYR A 242 43.80 -8.23 -5.01
C TYR A 242 43.70 -7.97 -3.51
N ARG A 243 43.76 -9.04 -2.72
CA ARG A 243 43.79 -8.90 -1.27
C ARG A 243 44.87 -7.92 -0.87
N CYS A 244 46.04 -8.05 -1.50
CA CYS A 244 47.16 -7.19 -1.17
C CYS A 244 46.94 -5.75 -1.66
N GLU A 245 46.48 -5.61 -2.89
CA GLU A 245 46.25 -4.28 -3.48
C GLU A 245 45.23 -3.48 -2.67
N ALA A 246 44.16 -4.15 -2.27
CA ALA A 246 42.99 -3.53 -1.61
C ALA A 246 43.11 -3.50 -0.10
N GLY A 247 44.10 -4.20 0.43
CA GLY A 247 44.35 -4.28 1.86
C GLY A 247 43.22 -4.97 2.62
N LEU A 248 42.70 -6.05 2.07
CA LEU A 248 41.59 -6.75 2.70
C LEU A 248 42.07 -7.48 3.96
N THR A 249 41.40 -7.22 5.10
CA THR A 249 41.74 -7.89 6.35
C THR A 249 40.54 -8.49 7.09
N ALA A 250 39.34 -8.25 6.57
CA ALA A 250 38.07 -8.65 7.17
C ALA A 250 36.97 -8.31 6.17
N PRO A 251 35.75 -8.82 6.38
CA PRO A 251 34.64 -8.38 5.53
C PRO A 251 34.44 -6.88 5.58
N GLN A 252 33.84 -6.32 4.53
CA GLN A 252 33.60 -4.90 4.56
C GLN A 252 32.62 -4.59 5.69
N PHE A 253 32.84 -3.43 6.31
CA PHE A 253 31.97 -2.84 7.34
C PHE A 253 32.23 -3.43 8.72
N TRP A 254 33.12 -4.42 8.81
CA TRP A 254 33.63 -4.87 10.12
C TRP A 254 34.66 -3.88 10.62
N ASN A 255 34.44 -3.37 11.82
CA ASN A 255 35.32 -2.36 12.40
C ASN A 255 36.40 -2.97 13.30
N PRO A 256 37.51 -2.23 13.49
CA PRO A 256 38.61 -2.69 14.34
C PRO A 256 38.17 -3.10 15.75
N ASP A 257 37.17 -2.42 16.31
CA ASP A 257 36.74 -2.73 17.67
C ASP A 257 35.78 -3.90 17.78
N GLY A 258 35.50 -4.57 16.68
CA GLY A 258 34.65 -5.75 16.71
C GLY A 258 33.18 -5.49 16.42
N THR A 259 32.81 -4.24 16.23
CA THR A 259 31.46 -3.91 15.76
C THR A 259 31.42 -3.95 14.24
N ARG A 260 30.22 -3.80 13.68
CA ARG A 260 30.07 -3.50 12.27
C ARG A 260 29.20 -2.27 12.13
N THR A 261 29.22 -1.69 10.93
CA THR A 261 28.39 -0.54 10.62
C THR A 261 27.49 -0.95 9.45
N ARG A 262 26.19 -0.97 9.72
CA ARG A 262 25.20 -1.51 8.81
C ARG A 262 24.14 -0.42 8.59
N PHE A 263 24.03 0.05 7.35
CA PHE A 263 23.22 1.22 7.05
C PHE A 263 23.44 2.36 8.06
N GLY A 264 24.70 2.57 8.42
CA GLY A 264 25.06 3.63 9.32
C GLY A 264 24.93 3.30 10.80
N HIS A 265 24.30 2.16 11.11
CA HIS A 265 24.10 1.72 12.49
C HIS A 265 25.31 0.96 13.00
N VAL A 266 25.92 1.43 14.09
CA VAL A 266 27.06 0.73 14.67
C VAL A 266 26.54 -0.29 15.67
N GLU A 267 26.88 -1.55 15.48
CA GLU A 267 26.28 -2.61 16.29
C GLU A 267 27.25 -3.77 16.46
N ASP A 268 26.99 -4.62 17.46
CA ASP A 268 27.76 -5.84 17.59
C ASP A 268 27.54 -6.74 16.39
N ILE A 269 28.55 -7.51 16.04
CA ILE A 269 28.40 -8.45 14.93
C ILE A 269 27.76 -9.74 15.44
N PRO A 270 26.56 -10.08 14.96
CA PRO A 270 25.90 -11.29 15.49
C PRO A 270 26.61 -12.56 15.02
N PRO A 271 26.93 -13.46 15.95
CA PRO A 271 27.81 -14.59 15.61
C PRO A 271 27.18 -15.56 14.62
N ASP A 272 25.86 -15.71 14.68
CA ASP A 272 25.19 -16.76 13.90
C ASP A 272 24.52 -16.27 12.62
N GLU A 273 24.67 -15.00 12.24
CA GLU A 273 24.22 -14.57 10.93
C GLU A 273 25.19 -15.02 9.87
N PRO A 274 24.71 -15.31 8.65
CA PRO A 274 25.60 -15.48 7.50
C PRO A 274 26.56 -14.31 7.37
N VAL A 275 27.84 -14.59 7.12
CA VAL A 275 28.78 -13.53 6.81
C VAL A 275 28.33 -12.83 5.52
N GLN A 276 28.59 -11.53 5.46
CA GLN A 276 28.13 -10.68 4.38
C GLN A 276 29.25 -9.74 3.98
N HIS A 277 29.22 -9.29 2.73
CA HIS A 277 30.15 -8.30 2.19
C HIS A 277 31.58 -8.87 2.14
N VAL A 278 31.70 -10.05 1.53
CA VAL A 278 33.01 -10.60 1.19
C VAL A 278 33.12 -10.74 -0.33
N THR A 279 34.34 -10.59 -0.84
CA THR A 279 34.61 -10.80 -2.25
C THR A 279 34.56 -12.27 -2.59
N TYR A 280 34.49 -12.55 -3.89
CA TYR A 280 34.67 -13.90 -4.38
C TYR A 280 36.00 -14.49 -3.91
N PHE A 281 37.02 -13.64 -3.94
CA PHE A 281 38.36 -14.09 -3.61
C PHE A 281 38.46 -14.48 -2.13
N GLU A 282 37.85 -13.69 -1.26
CA GLU A 282 37.71 -14.03 0.16
C GLU A 282 36.94 -15.33 0.33
N ALA A 283 35.83 -15.46 -0.41
CA ALA A 283 34.97 -16.66 -0.29
C ALA A 283 35.74 -17.92 -0.65
N GLU A 284 36.50 -17.88 -1.74
CA GLU A 284 37.22 -19.09 -2.13
C GLU A 284 38.39 -19.39 -1.18
N ALA A 285 39.00 -18.35 -0.61
CA ALA A 285 40.06 -18.54 0.39
C ALA A 285 39.54 -19.13 1.71
N TYR A 286 38.42 -18.61 2.21
CA TYR A 286 37.79 -19.20 3.38
C TYR A 286 37.46 -20.68 3.10
N ALA A 287 36.86 -20.95 1.94
CA ALA A 287 36.47 -22.32 1.65
C ALA A 287 37.68 -23.25 1.65
N ALA A 288 38.78 -22.82 1.04
CA ALA A 288 39.97 -23.65 1.04
C ALA A 288 40.52 -23.87 2.45
N TRP A 289 40.59 -22.79 3.23
CA TRP A 289 41.08 -22.87 4.59
C TRP A 289 40.19 -23.80 5.45
N ALA A 290 38.90 -23.85 5.12
CA ALA A 290 37.91 -24.64 5.86
C ALA A 290 37.89 -26.11 5.43
N GLY A 291 38.65 -26.44 4.37
CA GLY A 291 38.70 -27.81 3.84
C GLY A 291 37.66 -28.12 2.79
N ALA A 292 37.09 -27.07 2.20
CA ALA A 292 35.99 -27.17 1.24
C ALA A 292 36.35 -26.42 -0.06
N ARG A 293 35.32 -26.08 -0.83
CA ARG A 293 35.44 -25.29 -2.05
C ARG A 293 34.12 -24.57 -2.23
N LEU A 294 34.03 -23.71 -3.23
CA LEU A 294 32.77 -23.09 -3.60
C LEU A 294 31.99 -24.07 -4.46
N PRO A 295 30.67 -24.01 -4.41
CA PRO A 295 29.88 -24.76 -5.40
C PRO A 295 29.96 -24.13 -6.77
N THR A 296 29.79 -24.92 -7.82
CA THR A 296 29.42 -24.36 -9.13
C THR A 296 27.94 -23.90 -9.06
N GLU A 297 27.51 -23.06 -9.99
CA GLU A 297 26.13 -22.60 -9.95
C GLU A 297 25.20 -23.74 -10.32
N ILE A 298 25.71 -24.74 -11.05
CA ILE A 298 24.89 -25.87 -11.45
C ILE A 298 24.65 -26.78 -10.24
N GLU A 299 25.70 -27.04 -9.47
CA GLU A 299 25.56 -27.70 -8.18
C GLU A 299 24.56 -26.96 -7.28
N TRP A 300 24.72 -25.64 -7.22
CA TRP A 300 23.87 -24.82 -6.38
C TRP A 300 22.40 -25.02 -6.77
N GLU A 301 22.12 -24.90 -8.06
CA GLU A 301 20.73 -24.97 -8.49
C GLU A 301 20.15 -26.38 -8.29
N LYS A 302 20.96 -27.42 -8.45
CA LYS A 302 20.48 -28.78 -8.17
C LYS A 302 20.14 -28.92 -6.69
N ALA A 303 21.00 -28.40 -5.82
CA ALA A 303 20.75 -28.47 -4.38
C ALA A 303 19.46 -27.70 -4.03
N CYS A 304 19.20 -26.60 -4.74
CA CYS A 304 18.03 -25.77 -4.45
C CYS A 304 16.72 -26.36 -4.94
N ALA A 305 16.70 -26.78 -6.21
CA ALA A 305 15.45 -27.07 -6.89
C ALA A 305 15.15 -28.53 -7.13
N TRP A 306 16.12 -29.42 -7.08
CA TRP A 306 15.88 -30.81 -7.46
C TRP A 306 15.39 -31.67 -6.31
N ASP A 307 14.41 -32.52 -6.57
CA ASP A 307 13.90 -33.46 -5.57
C ASP A 307 14.25 -34.89 -6.01
N PRO A 308 15.29 -35.48 -5.40
CA PRO A 308 15.71 -36.80 -5.86
C PRO A 308 14.73 -37.91 -5.51
N ALA A 309 13.80 -37.65 -4.61
CA ALA A 309 12.81 -38.67 -4.25
C ALA A 309 11.78 -38.82 -5.37
N THR A 310 11.51 -37.73 -6.08
CA THR A 310 10.51 -37.72 -7.15
C THR A 310 11.11 -37.54 -8.55
N GLY A 311 12.39 -37.18 -8.63
CA GLY A 311 13.01 -36.89 -9.92
C GLY A 311 12.32 -35.73 -10.62
N ARG A 312 12.03 -34.68 -9.86
CA ARG A 312 11.36 -33.51 -10.38
C ARG A 312 11.99 -32.24 -9.80
N ARG A 313 11.89 -31.15 -10.54
CA ARG A 313 12.21 -29.82 -10.08
C ARG A 313 11.07 -29.27 -9.25
N ARG A 314 11.41 -28.59 -8.17
CA ARG A 314 10.44 -27.80 -7.42
C ARG A 314 10.47 -26.35 -7.89
N ARG A 315 9.36 -25.63 -7.71
CA ARG A 315 9.32 -24.22 -8.05
C ARG A 315 10.24 -23.37 -7.17
N TYR A 316 10.18 -23.68 -5.88
CA TYR A 316 11.03 -23.09 -4.83
C TYR A 316 11.66 -24.25 -4.02
N PRO A 317 12.66 -23.98 -3.18
CA PRO A 317 13.27 -25.15 -2.53
C PRO A 317 12.26 -25.98 -1.73
N TRP A 318 11.27 -25.30 -1.12
CA TRP A 318 10.30 -25.96 -0.25
C TRP A 318 9.13 -26.59 -0.99
N GLY A 319 8.95 -26.28 -2.26
CA GLY A 319 7.78 -26.72 -2.98
C GLY A 319 7.21 -25.60 -3.83
N ASP A 320 5.90 -25.58 -4.02
CA ASP A 320 5.34 -24.57 -4.92
C ASP A 320 4.67 -23.40 -4.21
N ALA A 321 4.59 -23.42 -2.88
CA ALA A 321 4.00 -22.29 -2.15
C ALA A 321 4.74 -20.99 -2.39
N ALA A 322 3.99 -19.91 -2.57
CA ALA A 322 4.58 -18.60 -2.75
C ALA A 322 5.41 -18.26 -1.51
N PRO A 323 6.54 -17.58 -1.71
CA PRO A 323 7.32 -17.20 -0.53
C PRO A 323 6.51 -16.39 0.49
N THR A 324 6.79 -16.64 1.75
CA THR A 324 6.22 -15.90 2.86
C THR A 324 7.33 -15.58 3.84
N ALA A 325 7.04 -14.72 4.82
CA ALA A 325 7.97 -14.41 5.88
C ALA A 325 8.32 -15.62 6.74
N ALA A 326 7.49 -16.65 6.73
CA ALA A 326 7.80 -17.87 7.47
C ALA A 326 8.76 -18.78 6.71
N LEU A 327 8.87 -18.60 5.40
CA LEU A 327 9.66 -19.48 4.57
C LEU A 327 11.04 -18.93 4.26
N ALA A 328 11.15 -17.60 4.13
CA ALA A 328 12.41 -16.99 3.72
C ALA A 328 12.47 -15.52 4.12
N ASN A 329 13.68 -14.99 4.13
CA ASN A 329 13.93 -13.57 4.40
C ASN A 329 14.22 -12.82 3.10
N LEU A 330 13.18 -12.16 2.61
CA LEU A 330 13.17 -11.49 1.31
C LEU A 330 12.51 -10.12 1.43
N GLY A 331 12.69 -9.29 0.41
CA GLY A 331 11.86 -8.10 0.24
C GLY A 331 12.40 -6.76 0.72
N GLY A 332 13.53 -6.77 1.44
CA GLY A 332 14.23 -5.56 1.84
C GLY A 332 14.01 -5.05 3.26
N ASP A 333 12.97 -5.50 3.97
CA ASP A 333 12.65 -4.83 5.22
C ASP A 333 13.61 -5.13 6.37
N ALA A 334 14.27 -6.29 6.34
CA ALA A 334 15.11 -6.67 7.48
C ALA A 334 16.46 -5.94 7.45
N LEU A 335 16.92 -5.54 6.27
CA LEU A 335 18.20 -4.84 6.12
C LEU A 335 19.40 -5.67 6.63
N ARG A 336 19.23 -6.99 6.66
CA ARG A 336 20.26 -7.91 7.14
C ARG A 336 19.78 -9.32 6.92
N PRO A 337 20.72 -10.28 6.87
CA PRO A 337 20.33 -11.70 6.83
C PRO A 337 19.93 -12.21 8.22
N ALA A 338 19.16 -13.28 8.22
CA ALA A 338 18.70 -13.92 9.47
C ALA A 338 19.72 -14.91 10.02
N PRO A 339 19.66 -15.18 11.32
CA PRO A 339 20.51 -16.22 11.92
C PRO A 339 20.34 -17.57 11.22
N VAL A 340 21.42 -18.33 11.11
CA VAL A 340 21.30 -19.61 10.43
C VAL A 340 20.38 -20.53 11.22
N GLY A 341 19.51 -21.22 10.49
CA GLY A 341 18.57 -22.13 11.09
C GLY A 341 17.20 -21.53 11.35
N ALA A 342 17.03 -20.27 10.96
CA ALA A 342 15.81 -19.52 11.23
C ALA A 342 14.61 -19.94 10.37
N TYR A 343 14.86 -20.64 9.26
CA TYR A 343 13.80 -21.02 8.32
C TYR A 343 13.79 -22.52 7.97
N PRO A 344 13.52 -23.37 8.98
CA PRO A 344 13.52 -24.81 8.69
C PRO A 344 12.50 -25.22 7.63
N ALA A 345 11.39 -24.50 7.55
CA ALA A 345 10.34 -24.84 6.57
C ALA A 345 10.72 -24.47 5.14
N GLY A 346 11.78 -23.66 4.99
CA GLY A 346 12.25 -23.22 3.69
C GLY A 346 13.30 -24.13 3.06
N ALA A 347 13.60 -25.24 3.72
CA ALA A 347 14.65 -26.14 3.25
C ALA A 347 14.34 -26.74 1.89
N SER A 348 15.38 -26.96 1.10
CA SER A 348 15.26 -27.73 -0.14
C SER A 348 15.04 -29.22 0.12
N ALA A 349 14.75 -29.96 -0.94
CA ALA A 349 14.52 -31.39 -0.79
C ALA A 349 15.71 -32.13 -0.16
N CYS A 350 16.92 -31.66 -0.46
CA CYS A 350 18.11 -32.28 0.10
C CYS A 350 18.45 -31.75 1.49
N GLY A 351 17.70 -30.75 1.98
CA GLY A 351 17.92 -30.26 3.34
C GLY A 351 18.68 -28.95 3.42
N ALA A 352 19.09 -28.38 2.29
CA ALA A 352 19.81 -27.10 2.33
C ALA A 352 18.84 -25.97 2.68
N GLU A 353 19.18 -25.20 3.71
CA GLU A 353 18.33 -24.13 4.23
C GLU A 353 18.83 -22.75 3.82
N GLN A 354 17.89 -21.81 3.74
CA GLN A 354 18.16 -20.42 3.43
C GLN A 354 18.84 -20.25 2.10
N MET A 355 18.51 -21.13 1.17
CA MET A 355 19.00 -21.01 -0.20
CA MET A 355 19.05 -20.98 -0.18
C MET A 355 18.42 -19.77 -0.88
N LEU A 356 17.13 -19.53 -0.66
CA LEU A 356 16.54 -18.28 -1.16
C LEU A 356 16.51 -17.22 -0.04
N GLY A 357 16.92 -16.01 -0.39
CA GLY A 357 16.99 -14.93 0.60
C GLY A 357 18.25 -14.96 1.42
N ASP A 358 18.29 -14.04 2.38
CA ASP A 358 19.42 -13.82 3.30
C ASP A 358 20.66 -13.27 2.60
N VAL A 359 21.52 -14.09 1.98
CA VAL A 359 22.64 -13.51 1.21
C VAL A 359 22.77 -14.14 -0.16
N TRP A 360 23.15 -13.32 -1.14
CA TRP A 360 23.63 -13.85 -2.41
C TRP A 360 24.83 -14.73 -2.14
N GLU A 361 24.88 -15.89 -2.80
CA GLU A 361 25.94 -16.87 -2.53
C GLU A 361 26.86 -17.02 -3.73
N TRP A 362 28.14 -16.72 -3.50
CA TRP A 362 29.13 -16.89 -4.55
C TRP A 362 29.23 -18.31 -5.06
N THR A 363 29.37 -18.43 -6.39
CA THR A 363 29.69 -19.71 -7.04
C THR A 363 30.95 -19.54 -7.86
N SER A 364 31.56 -20.65 -8.24
CA SER A 364 32.76 -20.60 -9.06
C SER A 364 32.49 -20.49 -10.54
N SER A 365 31.24 -20.40 -10.94
CA SER A 365 30.90 -20.38 -12.37
C SER A 365 30.95 -18.98 -12.96
N PRO A 366 31.65 -18.82 -14.09
CA PRO A 366 31.41 -17.63 -14.91
C PRO A 366 30.02 -17.69 -15.52
N LEU A 367 29.51 -16.54 -15.99
CA LEU A 367 28.22 -16.52 -16.66
C LEU A 367 28.39 -17.11 -18.05
N ARG A 368 27.55 -18.09 -18.37
CA ARG A 368 27.60 -18.75 -19.68
C ARG A 368 26.18 -19.05 -20.11
N PRO A 369 25.94 -19.07 -21.42
CA PRO A 369 24.58 -19.38 -21.85
C PRO A 369 24.25 -20.84 -21.67
N TRP A 370 23.02 -21.14 -21.30
CA TRP A 370 22.55 -22.52 -21.41
C TRP A 370 22.41 -22.86 -22.89
N PRO A 371 22.57 -24.14 -23.24
CA PRO A 371 22.37 -24.52 -24.64
C PRO A 371 20.98 -24.18 -25.11
N GLY A 372 20.86 -23.44 -26.21
CA GLY A 372 19.55 -22.99 -26.67
C GLY A 372 19.19 -21.59 -26.21
N PHE A 373 20.08 -20.95 -25.45
CA PHE A 373 19.89 -19.56 -25.04
C PHE A 373 19.51 -18.68 -26.21
N THR A 374 18.53 -17.80 -25.98
CA THR A 374 18.22 -16.77 -26.96
C THR A 374 17.91 -15.49 -26.16
N PRO A 375 18.39 -14.32 -26.64
CA PRO A 375 18.23 -13.10 -25.81
C PRO A 375 16.80 -12.58 -25.74
N MET A 376 16.46 -11.98 -24.62
CA MET A 376 15.18 -11.29 -24.49
C MET A 376 15.29 -9.89 -25.10
N ILE A 377 14.19 -9.16 -25.04
CA ILE A 377 14.07 -7.90 -25.77
C ILE A 377 15.21 -6.94 -25.38
N TYR A 378 15.59 -6.99 -24.11
CA TYR A 378 16.76 -6.32 -23.56
C TYR A 378 17.99 -7.19 -23.86
N GLN A 379 18.49 -7.06 -25.09
CA GLN A 379 19.47 -8.00 -25.62
C GLN A 379 20.80 -7.92 -24.91
N ARG A 380 21.13 -6.72 -24.44
CA ARG A 380 22.39 -6.50 -23.70
C ARG A 380 22.35 -6.80 -22.21
N TYR A 381 21.26 -7.40 -21.71
CA TYR A 381 21.16 -7.69 -20.30
C TYR A 381 22.16 -8.78 -19.86
N SER A 382 22.26 -9.86 -20.64
CA SER A 382 23.14 -11.00 -20.28
C SER A 382 24.33 -11.13 -21.21
N GLN A 383 24.07 -11.06 -22.51
CA GLN A 383 25.06 -11.43 -23.52
C GLN A 383 26.45 -10.79 -23.37
N PRO A 384 26.51 -9.50 -23.02
CA PRO A 384 27.85 -8.88 -22.95
C PRO A 384 28.71 -9.43 -21.83
N PHE A 385 28.12 -10.15 -20.89
CA PHE A 385 28.82 -10.58 -19.68
C PHE A 385 29.16 -12.06 -19.70
N PHE A 386 28.78 -12.75 -20.75
CA PHE A 386 29.17 -14.15 -20.91
C PHE A 386 30.68 -14.27 -20.97
N GLU A 387 31.21 -15.36 -20.42
CA GLU A 387 32.64 -15.62 -20.49
C GLU A 387 33.18 -15.51 -21.92
N GLY A 388 34.23 -14.71 -22.07
CA GLY A 388 34.87 -14.51 -23.35
C GLY A 388 34.21 -13.48 -24.23
N ALA A 389 33.11 -12.87 -23.78
CA ALA A 389 32.42 -11.85 -24.56
C ALA A 389 33.20 -10.55 -24.56
N GLY A 390 34.18 -10.43 -23.65
CA GLY A 390 35.11 -9.32 -23.65
C GLY A 390 34.80 -8.21 -22.67
N SER A 391 33.89 -8.45 -21.73
CA SER A 391 33.51 -7.43 -20.74
C SER A 391 34.25 -7.59 -19.43
N GLY A 392 35.14 -8.58 -19.35
CA GLY A 392 35.89 -8.82 -18.14
C GLY A 392 35.52 -10.12 -17.45
N ASP A 393 35.92 -10.21 -16.20
CA ASP A 393 35.78 -11.44 -15.43
CA ASP A 393 35.79 -11.43 -15.44
C ASP A 393 34.62 -11.32 -14.47
N TYR A 394 33.72 -12.30 -14.53
CA TYR A 394 32.55 -12.34 -13.65
C TYR A 394 32.40 -13.71 -13.04
N ARG A 395 31.83 -13.75 -11.84
CA ARG A 395 31.38 -14.99 -11.20
C ARG A 395 29.91 -14.84 -10.82
N VAL A 396 29.18 -15.95 -10.96
CA VAL A 396 27.76 -16.00 -10.70
C VAL A 396 27.46 -16.12 -9.20
N LEU A 397 26.45 -15.40 -8.74
CA LEU A 397 25.91 -15.53 -7.38
C LEU A 397 24.49 -15.99 -7.47
N ARG A 398 24.07 -16.80 -6.51
CA ARG A 398 22.74 -17.41 -6.52
C ARG A 398 21.93 -17.18 -5.27
N GLY A 399 20.61 -17.28 -5.42
CA GLY A 399 19.69 -17.47 -4.31
C GLY A 399 19.05 -16.21 -3.76
N GLY A 400 19.52 -15.06 -4.17
CA GLY A 400 18.97 -13.82 -3.67
C GLY A 400 19.47 -13.49 -2.28
N SER A 401 19.35 -12.23 -1.93
CA SER A 401 19.64 -11.75 -0.57
C SER A 401 18.34 -11.32 0.12
N TRP A 402 18.49 -10.85 1.37
CA TRP A 402 17.41 -10.26 2.13
C TRP A 402 16.76 -9.08 1.42
N ALA A 403 17.48 -8.50 0.46
CA ALA A 403 17.00 -7.33 -0.24
C ALA A 403 16.18 -7.63 -1.49
N VAL A 404 16.14 -8.88 -1.92
CA VAL A 404 15.49 -9.22 -3.18
C VAL A 404 13.98 -9.43 -3.02
N ALA A 405 13.20 -8.83 -3.91
CA ALA A 405 11.76 -9.03 -3.91
C ALA A 405 11.40 -10.46 -4.28
N ALA A 406 10.49 -11.04 -3.51
CA ALA A 406 10.08 -12.40 -3.75
C ALA A 406 9.53 -12.54 -5.17
N ASP A 407 8.82 -11.51 -5.65
CA ASP A 407 8.20 -11.54 -6.97
C ASP A 407 9.20 -11.78 -8.09
N ILE A 408 10.48 -11.45 -7.90
CA ILE A 408 11.42 -11.52 -9.03
C ILE A 408 12.45 -12.63 -8.88
N LEU A 409 12.28 -13.49 -7.87
CA LEU A 409 13.29 -14.49 -7.53
C LEU A 409 12.82 -15.93 -7.79
N ARG A 410 13.73 -16.72 -8.34
CA ARG A 410 13.53 -18.14 -8.63
C ARG A 410 14.85 -18.86 -8.37
N PRO A 411 14.79 -20.17 -8.12
CA PRO A 411 16.04 -20.94 -8.05
C PRO A 411 16.94 -20.77 -9.27
N SER A 412 16.35 -20.56 -10.45
CA SER A 412 17.11 -20.42 -11.70
C SER A 412 17.66 -19.03 -11.92
N PHE A 413 17.30 -18.04 -11.09
CA PHE A 413 17.80 -16.67 -11.28
C PHE A 413 19.33 -16.62 -11.15
N ARG A 414 19.99 -15.87 -12.05
CA ARG A 414 21.45 -15.78 -12.07
C ARG A 414 21.88 -14.32 -11.90
N ASN A 415 22.52 -14.04 -10.77
CA ASN A 415 23.22 -12.76 -10.55
C ASN A 415 24.68 -13.00 -10.93
N TRP A 416 25.42 -11.93 -11.16
CA TRP A 416 26.86 -12.04 -11.38
C TRP A 416 27.53 -10.74 -11.05
N ASP A 417 28.83 -10.81 -10.78
CA ASP A 417 29.59 -9.60 -10.62
C ASP A 417 31.08 -9.88 -10.74
N HIS A 418 31.86 -8.81 -10.79
CA HIS A 418 33.30 -8.95 -10.76
C HIS A 418 33.68 -9.57 -9.42
N PRO A 419 34.72 -10.42 -9.41
CA PRO A 419 35.06 -11.09 -8.14
C PRO A 419 35.60 -10.12 -7.08
N ILE A 420 35.97 -8.89 -7.45
CA ILE A 420 36.47 -7.91 -6.48
C ILE A 420 35.37 -7.12 -5.75
N ARG A 421 34.11 -7.40 -6.09
CA ARG A 421 33.00 -6.64 -5.52
C ARG A 421 32.53 -7.25 -4.21
N ARG A 422 32.34 -6.40 -3.20
CA ARG A 422 31.77 -6.88 -1.94
C ARG A 422 30.82 -5.89 -1.29
N GLN A 423 30.46 -4.79 -1.96
CA GLN A 423 29.45 -3.90 -1.42
C GLN A 423 28.06 -4.51 -1.64
N ILE A 424 28.01 -5.48 -2.54
CA ILE A 424 26.81 -6.29 -2.77
C ILE A 424 26.52 -7.15 -1.51
N PHE A 425 25.27 -7.60 -1.36
CA PHE A 425 24.87 -8.33 -0.13
C PHE A 425 25.15 -9.82 -0.34
N ALA A 426 26.44 -10.13 -0.33
CA ALA A 426 26.94 -11.45 -0.71
C ALA A 426 27.68 -12.15 0.40
N GLY A 427 27.45 -13.45 0.48
CA GLY A 427 28.16 -14.33 1.38
C GLY A 427 28.56 -15.62 0.71
N VAL A 428 28.65 -16.66 1.54
CA VAL A 428 29.30 -17.91 1.16
C VAL A 428 28.58 -19.13 1.71
N ARG A 429 28.35 -20.11 0.82
CA ARG A 429 27.93 -21.45 1.21
C ARG A 429 28.97 -22.43 0.67
N LEU A 430 29.44 -23.32 1.51
CA LEU A 430 30.50 -24.27 1.12
C LEU A 430 29.99 -25.45 0.31
N ALA A 431 30.91 -26.09 -0.39
CA ALA A 431 30.66 -27.34 -1.07
C ALA A 431 31.85 -28.27 -0.99
N TRP A 432 31.59 -29.55 -1.22
CA TRP A 432 32.60 -30.60 -1.15
C TRP A 432 32.40 -31.68 -2.19
N ASP A 433 33.49 -32.16 -2.73
CA ASP A 433 33.47 -33.38 -3.54
C ASP A 433 33.06 -34.55 -2.66
N VAL A 434 32.46 -35.54 -3.30
CA VAL A 434 32.19 -36.85 -2.72
C VAL A 434 32.94 -37.91 -3.50
N ASP A 435 33.60 -38.81 -2.80
CA ASP A 435 34.34 -39.92 -3.41
C ASP A 435 33.43 -41.09 -3.74
N HIS B 9 -35.64 -2.78 22.25
CA HIS B 9 -35.14 -3.90 23.03
C HIS B 9 -33.81 -3.54 23.68
N ARG B 10 -33.75 -3.59 25.01
CA ARG B 10 -32.54 -3.21 25.74
C ARG B 10 -31.37 -4.06 25.30
N ALA B 11 -31.66 -5.30 24.92
CA ALA B 11 -30.61 -6.23 24.52
C ALA B 11 -30.03 -5.83 23.17
N GLU B 12 -30.92 -5.43 22.26
CA GLU B 12 -30.51 -4.96 20.95
C GLU B 12 -29.67 -3.70 21.07
N LEU B 13 -30.09 -2.75 21.90
CA LEU B 13 -29.31 -1.54 22.12
C LEU B 13 -27.94 -1.87 22.69
N ALA B 14 -27.90 -2.78 23.66
CA ALA B 14 -26.63 -3.20 24.24
C ALA B 14 -25.72 -3.71 23.13
N ARG B 15 -26.28 -4.56 22.28
CA ARG B 15 -25.56 -5.09 21.13
C ARG B 15 -25.01 -3.97 20.24
N GLN B 16 -25.82 -2.97 19.95
CA GLN B 16 -25.34 -1.86 19.11
C GLN B 16 -24.22 -1.07 19.78
N LEU B 17 -24.33 -0.85 21.10
CA LEU B 17 -23.30 -0.11 21.80
C LEU B 17 -22.00 -0.91 21.80
N ILE B 18 -22.12 -2.20 22.05
CA ILE B 18 -20.93 -3.05 22.16
C ILE B 18 -20.23 -3.13 20.81
N ASP B 19 -21.01 -3.28 19.73
CA ASP B 19 -20.44 -3.32 18.39
C ASP B 19 -19.75 -2.01 18.02
N ALA B 20 -20.34 -0.87 18.42
CA ALA B 20 -19.74 0.42 18.16
C ALA B 20 -18.40 0.53 18.89
N ARG B 21 -18.35 0.06 20.13
CA ARG B 21 -17.13 0.22 20.91
C ARG B 21 -16.06 -0.73 20.37
N ASN B 22 -16.46 -1.92 19.94
CA ASN B 22 -15.50 -2.85 19.33
C ASN B 22 -14.88 -2.21 18.11
N ARG B 23 -15.69 -1.48 17.34
CA ARG B 23 -15.21 -0.78 16.16
C ARG B 23 -14.21 0.30 16.53
N THR B 24 -14.57 1.15 17.49
CA THR B 24 -13.67 2.19 17.97
C THR B 24 -12.32 1.61 18.43
N LEU B 25 -12.37 0.51 19.17
CA LEU B 25 -11.13 -0.06 19.70
C LEU B 25 -10.25 -0.69 18.62
N ARG B 26 -10.86 -1.17 17.53
CA ARG B 26 -10.06 -1.57 16.36
C ARG B 26 -9.36 -0.34 15.76
N LEU B 27 -10.05 0.79 15.72
CA LEU B 27 -9.50 1.96 15.06
C LEU B 27 -8.44 2.66 15.89
N VAL B 28 -8.29 2.26 17.15
CA VAL B 28 -7.18 2.77 17.97
C VAL B 28 -6.25 1.63 18.42
N ASP B 29 -6.31 0.50 17.72
CA ASP B 29 -5.41 -0.63 18.01
C ASP B 29 -4.06 -0.45 17.32
N PHE B 30 -3.36 0.63 17.67
CA PHE B 30 -2.07 0.98 17.09
C PHE B 30 -1.18 1.51 18.21
N ASP B 31 0.11 1.69 17.94
CA ASP B 31 1.04 2.21 18.95
C ASP B 31 0.60 3.59 19.46
N ASP B 32 0.97 3.88 20.70
CA ASP B 32 0.62 5.16 21.31
C ASP B 32 1.02 6.35 20.45
N ALA B 33 2.23 6.27 19.85
CA ALA B 33 2.72 7.36 19.02
C ALA B 33 1.80 7.64 17.84
N GLU B 34 1.25 6.59 17.21
CA GLU B 34 0.32 6.76 16.09
C GLU B 34 -0.93 7.50 16.55
N LEU B 35 -1.42 7.14 17.73
CA LEU B 35 -2.68 7.68 18.21
C LEU B 35 -2.57 9.16 18.60
N ARG B 36 -1.34 9.59 18.89
CA ARG B 36 -1.07 10.97 19.28
C ARG B 36 -0.73 11.87 18.10
N ARG B 37 -0.46 11.26 16.95
CA ARG B 37 -0.08 12.01 15.75
C ARG B 37 -1.21 12.85 15.18
N GLN B 38 -0.86 14.00 14.60
CA GLN B 38 -1.76 14.73 13.71
C GLN B 38 -1.47 14.31 12.28
N TYR B 39 -2.40 13.58 11.66
CA TYR B 39 -2.17 13.11 10.30
C TYR B 39 -2.37 14.24 9.29
N ASP B 40 -3.19 15.21 9.67
CA ASP B 40 -3.56 16.34 8.82
C ASP B 40 -4.19 17.39 9.74
N PRO B 41 -3.89 18.69 9.55
CA PRO B 41 -4.46 19.72 10.42
C PRO B 41 -5.99 19.74 10.46
N LEU B 42 -6.65 19.15 9.47
CA LEU B 42 -8.11 19.05 9.52
C LEU B 42 -8.62 18.12 10.61
N MET B 43 -7.76 17.22 11.10
CA MET B 43 -8.22 16.07 11.89
C MET B 43 -7.60 16.01 13.28
N SER B 44 -8.42 15.66 14.27
CA SER B 44 -7.91 15.35 15.62
C SER B 44 -6.98 14.16 15.63
N PRO B 45 -6.05 14.13 16.59
CA PRO B 45 -5.37 12.84 16.80
C PRO B 45 -6.39 11.78 17.20
N LEU B 46 -6.15 10.52 16.85
CA LEU B 46 -7.11 9.44 17.16
C LEU B 46 -7.37 9.34 18.67
N VAL B 47 -6.36 9.62 19.50
CA VAL B 47 -6.54 9.52 20.95
C VAL B 47 -7.54 10.59 21.47
N TRP B 48 -7.71 11.66 20.71
CA TRP B 48 -8.67 12.69 21.07
C TRP B 48 -10.08 12.14 20.86
N ASP B 49 -10.36 11.58 19.69
CA ASP B 49 -11.69 11.02 19.43
C ASP B 49 -12.02 9.95 20.45
N LEU B 50 -11.02 9.15 20.82
CA LEU B 50 -11.24 8.08 21.77
C LEU B 50 -11.83 8.59 23.08
N ALA B 51 -11.15 9.54 23.72
CA ALA B 51 -11.60 10.09 24.99
C ALA B 51 -12.89 10.89 24.82
N HIS B 52 -13.01 11.59 23.71
CA HIS B 52 -14.21 12.38 23.40
C HIS B 52 -15.44 11.47 23.27
N ILE B 53 -15.28 10.33 22.63
CA ILE B 53 -16.38 9.35 22.56
C ILE B 53 -16.88 8.98 23.96
N GLY B 54 -15.94 8.67 24.86
CA GLY B 54 -16.29 8.30 26.21
C GLY B 54 -16.92 9.45 26.99
N GLN B 55 -16.39 10.66 26.78
CA GLN B 55 -16.87 11.83 27.51
C GLN B 55 -18.32 12.11 27.11
N GLN B 56 -18.60 11.96 25.83
CA GLN B 56 -19.94 12.24 25.32
C GLN B 56 -20.94 11.17 25.78
N GLU B 57 -20.52 9.90 25.74
CA GLU B 57 -21.36 8.83 26.25
C GLU B 57 -21.70 9.07 27.71
N GLU B 58 -20.69 9.46 28.50
CA GLU B 58 -20.91 9.78 29.91
C GLU B 58 -21.89 10.94 30.05
N LEU B 59 -21.70 11.99 29.27
CA LEU B 59 -22.54 13.18 29.40
C LEU B 59 -24.01 12.86 29.11
N TRP B 60 -24.28 12.17 28.01
CA TRP B 60 -25.67 12.01 27.58
C TRP B 60 -26.36 10.85 28.30
N LEU B 61 -25.60 9.84 28.72
CA LEU B 61 -26.22 8.65 29.33
C LEU B 61 -26.14 8.59 30.86
N LEU B 62 -25.09 9.12 31.45
CA LEU B 62 -24.91 9.00 32.90
C LEU B 62 -25.11 10.33 33.61
N ARG B 63 -25.06 11.44 32.88
CA ARG B 63 -25.18 12.76 33.47
C ARG B 63 -26.40 13.55 32.96
N GLY B 64 -27.29 12.88 32.24
CA GLY B 64 -28.54 13.48 31.82
C GLY B 64 -28.35 14.70 30.93
N GLY B 65 -27.19 14.75 30.27
CA GLY B 65 -26.87 15.87 29.40
C GLY B 65 -26.66 17.17 30.14
N ASP B 66 -26.54 17.08 31.46
CA ASP B 66 -26.39 18.26 32.33
C ASP B 66 -24.97 18.33 32.87
N PRO B 67 -24.14 19.25 32.34
CA PRO B 67 -22.74 19.24 32.78
C PRO B 67 -22.55 19.71 34.22
N ARG B 68 -23.61 20.18 34.86
CA ARG B 68 -23.58 20.54 36.27
C ARG B 68 -23.60 19.28 37.14
N ARG B 69 -24.04 18.16 36.57
CA ARG B 69 -23.99 16.89 37.28
C ARG B 69 -22.56 16.35 37.15
N PRO B 70 -22.01 15.75 38.22
CA PRO B 70 -20.58 15.46 38.16
C PRO B 70 -20.19 14.34 37.19
N GLY B 71 -19.01 14.49 36.59
CA GLY B 71 -18.42 13.46 35.75
C GLY B 71 -17.18 12.89 36.40
N LEU B 72 -16.57 11.89 35.76
CA LEU B 72 -15.40 11.22 36.33
C LEU B 72 -14.12 12.06 36.18
N LEU B 73 -14.05 12.85 35.11
CA LEU B 73 -12.89 13.70 34.85
C LEU B 73 -13.01 15.04 35.55
N GLU B 74 -11.87 15.64 35.89
CA GLU B 74 -11.86 17.04 36.32
C GLU B 74 -12.43 17.88 35.17
N PRO B 75 -13.22 18.91 35.51
CA PRO B 75 -13.74 19.83 34.48
C PRO B 75 -12.68 20.34 33.50
N ALA B 76 -11.49 20.69 33.99
CA ALA B 76 -10.44 21.22 33.10
C ALA B 76 -9.94 20.15 32.14
N VAL B 77 -9.96 18.90 32.59
CA VAL B 77 -9.56 17.78 31.75
C VAL B 77 -10.66 17.46 30.75
N GLU B 78 -11.89 17.41 31.25
CA GLU B 78 -13.05 17.16 30.37
C GLU B 78 -13.12 18.17 29.23
N GLN B 79 -12.78 19.42 29.52
CA GLN B 79 -12.93 20.49 28.52
C GLN B 79 -11.95 20.36 27.38
N LEU B 80 -10.87 19.60 27.57
CA LEU B 80 -9.96 19.31 26.45
C LEU B 80 -10.69 18.61 25.32
N TYR B 81 -11.84 17.99 25.61
CA TYR B 81 -12.56 17.20 24.62
C TYR B 81 -13.86 17.86 24.16
N ASP B 82 -14.00 19.14 24.47
CA ASP B 82 -15.08 19.98 23.96
C ASP B 82 -14.76 20.48 22.56
N ALA B 83 -15.48 19.97 21.56
CA ALA B 83 -15.17 20.27 20.18
C ALA B 83 -15.38 21.75 19.82
N PHE B 84 -16.20 22.44 20.60
CA PHE B 84 -16.53 23.83 20.30
C PHE B 84 -15.47 24.77 20.90
N VAL B 85 -14.73 24.29 21.89
CA VAL B 85 -13.70 25.10 22.53
C VAL B 85 -12.39 25.00 21.77
N HIS B 86 -12.06 23.81 21.29
CA HIS B 86 -10.74 23.54 20.68
C HIS B 86 -10.82 23.21 19.20
N PRO B 87 -10.36 24.13 18.33
CA PRO B 87 -10.35 23.79 16.89
C PRO B 87 -9.57 22.52 16.60
N ARG B 88 -9.97 21.79 15.55
CA ARG B 88 -9.32 20.52 15.22
C ARG B 88 -7.81 20.57 15.21
N ALA B 89 -7.23 21.57 14.52
CA ALA B 89 -5.77 21.63 14.34
C ALA B 89 -5.03 21.76 15.67
N SER B 90 -5.69 22.34 16.67
CA SER B 90 -5.02 22.65 17.93
C SER B 90 -4.92 21.45 18.84
N ARG B 91 -5.72 20.43 18.56
CA ARG B 91 -5.91 19.36 19.53
C ARG B 91 -4.67 18.52 19.71
N VAL B 92 -3.83 18.43 18.68
CA VAL B 92 -2.62 17.62 18.79
C VAL B 92 -1.68 18.15 19.88
N HIS B 93 -1.77 19.44 20.18
CA HIS B 93 -0.84 20.09 21.11
C HIS B 93 -1.35 20.11 22.56
N LEU B 94 -2.58 19.67 22.76
CA LEU B 94 -3.19 19.68 24.10
C LEU B 94 -2.60 18.59 24.99
N PRO B 95 -2.61 18.79 26.32
CA PRO B 95 -2.13 17.79 27.27
C PRO B 95 -3.14 16.68 27.48
N LEU B 96 -3.39 15.90 26.43
CA LEU B 96 -4.44 14.89 26.46
C LEU B 96 -4.12 13.68 27.31
N LEU B 97 -5.18 13.00 27.74
CA LEU B 97 -5.06 11.68 28.37
C LEU B 97 -4.34 10.74 27.43
N SER B 98 -3.48 9.88 27.99
CA SER B 98 -2.80 8.86 27.22
C SER B 98 -3.80 7.87 26.64
N PRO B 99 -3.40 7.12 25.61
CA PRO B 99 -4.25 6.03 25.12
C PRO B 99 -4.71 5.08 26.26
N ALA B 100 -3.82 4.71 27.16
CA ALA B 100 -4.18 3.83 28.26
C ALA B 100 -5.23 4.49 29.15
N GLN B 101 -5.01 5.76 29.50
CA GLN B 101 -5.96 6.48 30.34
C GLN B 101 -7.31 6.61 29.65
N ALA B 102 -7.28 6.91 28.36
CA ALA B 102 -8.50 7.10 27.57
C ALA B 102 -9.29 5.79 27.45
N ARG B 103 -8.60 4.68 27.21
CA ARG B 103 -9.33 3.39 27.11
C ARG B 103 -9.97 3.05 28.46
N ARG B 104 -9.24 3.29 29.54
CA ARG B 104 -9.73 3.00 30.90
C ARG B 104 -10.98 3.83 31.21
N PHE B 105 -10.93 5.12 30.90
CA PHE B 105 -12.06 6.03 31.11
C PHE B 105 -13.29 5.55 30.33
N CYS B 106 -13.08 5.25 29.05
CA CYS B 106 -14.16 4.74 28.20
C CYS B 106 -14.77 3.47 28.79
N ALA B 107 -13.92 2.54 29.23
CA ALA B 107 -14.38 1.27 29.78
C ALA B 107 -15.20 1.46 31.05
N THR B 108 -14.73 2.36 31.92
CA THR B 108 -15.41 2.61 33.18
C THR B 108 -16.80 3.20 32.91
N VAL B 109 -16.84 4.19 32.03
CA VAL B 109 -18.12 4.78 31.63
C VAL B 109 -19.05 3.71 31.04
N ARG B 110 -18.51 2.87 30.17
CA ARG B 110 -19.32 1.88 29.48
C ARG B 110 -19.93 0.84 30.44
N SER B 111 -19.15 0.41 31.42
CA SER B 111 -19.69 -0.50 32.44
C SER B 111 -20.91 0.10 33.14
N ALA B 112 -20.84 1.38 33.46
CA ALA B 112 -21.93 2.04 34.16
C ALA B 112 -23.14 2.19 33.23
N VAL B 113 -22.87 2.45 31.95
CA VAL B 113 -23.92 2.60 30.96
C VAL B 113 -24.69 1.29 30.77
N LEU B 114 -23.98 0.18 30.64
CA LEU B 114 -24.64 -1.12 30.39
C LEU B 114 -25.41 -1.58 31.61
N ASP B 115 -24.89 -1.27 32.79
CA ASP B 115 -25.60 -1.61 34.01
C ASP B 115 -26.89 -0.80 34.06
N ALA B 116 -26.83 0.47 33.69
CA ALA B 116 -28.04 1.30 33.71
C ALA B 116 -29.05 0.82 32.67
N LEU B 117 -28.54 0.45 31.50
CA LEU B 117 -29.40 0.03 30.40
C LEU B 117 -30.13 -1.24 30.77
N ASP B 118 -29.40 -2.14 31.41
CA ASP B 118 -29.95 -3.42 31.83
C ASP B 118 -31.12 -3.25 32.80
N ARG B 119 -31.10 -2.16 33.57
CA ARG B 119 -32.11 -1.93 34.60
C ARG B 119 -33.33 -1.15 34.09
N LEU B 120 -33.25 -0.65 32.87
CA LEU B 120 -34.35 0.14 32.33
C LEU B 120 -35.58 -0.72 32.03
N PRO B 121 -36.77 -0.18 32.25
CA PRO B 121 -37.98 -0.95 31.92
C PRO B 121 -38.20 -1.05 30.40
N GLU B 122 -39.00 -2.02 29.98
CA GLU B 122 -39.23 -2.27 28.56
C GLU B 122 -39.75 -1.03 27.85
N ASP B 123 -40.60 -0.27 28.54
CA ASP B 123 -41.29 0.85 27.92
C ASP B 123 -40.52 2.17 28.05
N ALA B 124 -39.29 2.12 28.56
CA ALA B 124 -38.53 3.33 28.83
C ALA B 124 -38.19 4.07 27.54
N ASP B 125 -38.03 5.38 27.66
CA ASP B 125 -37.48 6.19 26.57
C ASP B 125 -35.99 5.95 26.48
N THR B 126 -35.52 5.41 25.36
CA THR B 126 -34.11 5.10 25.19
C THR B 126 -33.45 5.91 24.07
N PHE B 127 -34.07 7.03 23.69
CA PHE B 127 -33.53 7.81 22.59
C PHE B 127 -32.04 8.15 22.76
N ALA B 128 -31.66 8.57 23.96
CA ALA B 128 -30.27 9.01 24.19
C ALA B 128 -29.28 7.89 23.88
N PHE B 129 -29.66 6.65 24.17
CA PHE B 129 -28.77 5.52 23.91
C PHE B 129 -28.53 5.37 22.41
N GLY B 130 -29.59 5.45 21.62
CA GLY B 130 -29.42 5.39 20.18
C GLY B 130 -28.67 6.59 19.63
N MET B 131 -28.88 7.74 20.25
CA MET B 131 -28.16 8.95 19.85
C MET B 131 -26.65 8.75 20.05
N VAL B 132 -26.29 8.11 21.16
CA VAL B 132 -24.88 7.85 21.44
C VAL B 132 -24.30 6.79 20.51
N VAL B 133 -25.07 5.77 20.17
CA VAL B 133 -24.58 4.81 19.18
C VAL B 133 -24.22 5.54 17.88
N SER B 134 -25.07 6.48 17.47
CA SER B 134 -24.83 7.28 16.26
C SER B 134 -23.57 8.14 16.44
N HIS B 135 -23.46 8.79 17.58
CA HIS B 135 -22.29 9.62 17.84
C HIS B 135 -21.00 8.82 17.71
N GLU B 136 -20.94 7.65 18.32
CA GLU B 136 -19.71 6.89 18.29
C GLU B 136 -19.38 6.41 16.87
N HIS B 137 -20.36 5.86 16.15
CA HIS B 137 -20.09 5.43 14.78
C HIS B 137 -19.70 6.59 13.88
N GLN B 138 -20.25 7.79 14.13
CA GLN B 138 -19.88 8.94 13.32
C GLN B 138 -18.41 9.31 13.58
N HIS B 139 -17.97 9.23 14.82
CA HIS B 139 -16.56 9.47 15.08
C HIS B 139 -15.70 8.35 14.51
N ASP B 140 -16.27 7.16 14.37
CA ASP B 140 -15.51 6.07 13.76
C ASP B 140 -15.24 6.44 12.30
N GLU B 141 -16.26 7.00 11.63
CA GLU B 141 -16.05 7.42 10.23
C GLU B 141 -15.05 8.58 10.17
N THR B 142 -15.13 9.51 11.11
CA THR B 142 -14.15 10.60 11.24
C THR B 142 -12.72 10.06 11.41
N MET B 143 -12.56 9.03 12.26
CA MET B 143 -11.25 8.45 12.45
C MET B 143 -10.73 7.76 11.18
N LEU B 144 -11.64 7.18 10.41
CA LEU B 144 -11.25 6.62 9.13
C LEU B 144 -10.81 7.71 8.15
N GLN B 145 -11.47 8.87 8.17
CA GLN B 145 -11.02 9.98 7.33
C GLN B 145 -9.57 10.32 7.67
N ALA B 146 -9.27 10.32 8.97
CA ALA B 146 -7.91 10.65 9.39
C ALA B 146 -6.93 9.58 8.96
N LEU B 147 -7.28 8.31 9.15
CA LEU B 147 -6.40 7.22 8.73
C LEU B 147 -6.18 7.24 7.21
N ASN B 148 -7.16 7.71 6.46
CA ASN B 148 -6.99 7.79 5.01
C ASN B 148 -6.06 8.97 4.61
N LEU B 149 -6.00 10.00 5.44
CA LEU B 149 -5.10 11.12 5.19
C LEU B 149 -3.67 10.82 5.60
N ARG B 150 -3.51 9.86 6.50
CA ARG B 150 -2.19 9.51 7.03
C ARG B 150 -1.22 9.18 5.93
N SER B 151 -0.06 9.84 5.95
CA SER B 151 1.02 9.50 5.04
C SER B 151 1.80 8.32 5.58
N GLY B 152 2.05 7.32 4.74
CA GLY B 152 2.97 6.24 5.11
C GLY B 152 2.43 4.87 4.74
N GLU B 153 3.21 3.82 5.01
CA GLU B 153 2.79 2.49 4.65
C GLU B 153 1.53 2.15 5.45
N PRO B 154 0.62 1.38 4.85
CA PRO B 154 -0.70 1.17 5.48
C PRO B 154 -0.66 0.58 6.90
N LEU B 155 -1.64 1.00 7.69
CA LEU B 155 -1.92 0.42 8.99
C LEU B 155 -3.06 -0.57 8.86
N LEU B 156 -4.03 -0.27 7.99
CA LEU B 156 -5.18 -1.13 7.77
C LEU B 156 -4.93 -2.05 6.58
N GLY B 157 -5.70 -3.12 6.51
CA GLY B 157 -5.69 -3.98 5.33
C GLY B 157 -6.37 -3.23 4.21
N SER B 158 -6.48 -3.85 3.03
CA SER B 158 -7.00 -3.13 1.87
C SER B 158 -8.51 -3.23 1.72
N GLY B 159 -9.17 -4.01 2.56
CA GLY B 159 -10.63 -4.07 2.58
C GLY B 159 -11.21 -5.40 2.16
N THR B 160 -12.44 -5.64 2.58
CA THR B 160 -13.11 -6.91 2.32
C THR B 160 -13.65 -6.95 0.89
N ALA B 161 -14.04 -8.15 0.45
CA ALA B 161 -14.53 -8.34 -0.89
C ALA B 161 -15.85 -7.62 -1.10
N LEU B 162 -16.05 -7.13 -2.32
CA LEU B 162 -17.30 -6.49 -2.75
C LEU B 162 -17.85 -7.21 -3.98
N PRO B 163 -19.17 -7.09 -4.22
CA PRO B 163 -19.71 -7.69 -5.44
C PRO B 163 -19.23 -6.96 -6.68
N PRO B 164 -19.30 -7.63 -7.84
CA PRO B 164 -18.93 -6.98 -9.09
C PRO B 164 -20.03 -6.03 -9.53
N GLY B 165 -19.68 -5.01 -10.32
CA GLY B 165 -20.67 -4.15 -10.93
C GLY B 165 -21.28 -4.81 -12.15
N ARG B 166 -22.01 -4.05 -12.94
CA ARG B 166 -22.54 -4.54 -14.21
C ARG B 166 -22.56 -3.42 -15.24
N PRO B 167 -22.54 -3.76 -16.54
CA PRO B 167 -22.46 -2.70 -17.56
C PRO B 167 -23.78 -1.99 -17.79
N GLY B 168 -23.70 -0.82 -18.41
CA GLY B 168 -24.89 -0.15 -18.92
C GLY B 168 -25.67 0.65 -17.90
N VAL B 169 -25.08 0.89 -16.73
CA VAL B 169 -25.76 1.70 -15.70
C VAL B 169 -25.14 3.07 -15.55
N ALA B 170 -23.83 3.18 -15.72
CA ALA B 170 -23.14 4.45 -15.51
C ALA B 170 -23.68 5.53 -16.45
N GLY B 171 -23.93 6.72 -15.90
CA GLY B 171 -24.40 7.84 -16.70
C GLY B 171 -25.90 7.84 -17.03
N THR B 172 -26.62 6.80 -16.64
CA THR B 172 -28.04 6.70 -16.97
C THR B 172 -28.88 7.36 -15.86
N SER B 173 -30.17 7.55 -16.16
CA SER B 173 -31.06 8.26 -15.25
C SER B 173 -32.41 7.58 -15.16
N VAL B 174 -33.12 7.85 -14.06
CA VAL B 174 -34.48 7.39 -13.87
C VAL B 174 -35.38 8.57 -13.50
N LEU B 175 -36.66 8.41 -13.83
CA LEU B 175 -37.65 9.43 -13.57
C LEU B 175 -38.18 9.33 -12.15
N VAL B 176 -38.34 10.48 -11.51
CA VAL B 176 -38.99 10.57 -10.21
C VAL B 176 -40.27 11.39 -10.39
N PRO B 177 -41.43 10.72 -10.57
CA PRO B 177 -42.67 11.43 -10.92
C PRO B 177 -43.00 12.52 -9.90
N GLY B 178 -43.57 13.62 -10.39
CA GLY B 178 -43.83 14.77 -9.55
C GLY B 178 -45.05 14.61 -8.65
N GLY B 179 -45.04 15.35 -7.54
CA GLY B 179 -46.18 15.38 -6.66
C GLY B 179 -45.75 15.49 -5.21
N PRO B 180 -46.74 15.52 -4.32
CA PRO B 180 -46.52 15.54 -2.86
C PRO B 180 -45.86 14.26 -2.37
N PHE B 181 -44.93 14.37 -1.45
CA PHE B 181 -44.41 13.21 -0.74
C PHE B 181 -44.10 13.61 0.71
N VAL B 182 -43.84 12.61 1.55
CA VAL B 182 -43.53 12.87 2.96
C VAL B 182 -42.02 12.93 3.15
N LEU B 183 -41.57 14.11 3.55
CA LEU B 183 -40.17 14.38 3.86
C LEU B 183 -39.96 14.25 5.36
N GLY B 184 -38.83 13.67 5.78
CA GLY B 184 -38.57 13.49 7.19
C GLY B 184 -39.33 12.34 7.84
N VAL B 185 -39.12 12.16 9.15
CA VAL B 185 -39.73 11.07 9.90
C VAL B 185 -40.13 11.54 11.28
N ASP B 186 -41.03 10.79 11.92
CA ASP B 186 -41.40 10.98 13.32
C ASP B 186 -40.75 9.90 14.18
N LEU B 187 -40.53 10.21 15.45
CA LEU B 187 -39.93 9.24 16.36
C LEU B 187 -40.77 7.97 16.49
N ALA B 188 -42.07 8.11 16.26
CA ALA B 188 -42.98 6.96 16.29
C ALA B 188 -42.54 5.86 15.33
N ASP B 189 -42.08 6.24 14.15
CA ASP B 189 -41.60 5.32 13.13
C ASP B 189 -40.10 5.02 13.19
N GLU B 190 -39.32 6.01 13.59
CA GLU B 190 -37.86 5.88 13.68
C GLU B 190 -37.43 6.38 15.06
N PRO B 191 -37.38 5.48 16.04
CA PRO B 191 -37.13 5.85 17.44
C PRO B 191 -35.81 6.60 17.67
N TYR B 192 -34.86 6.46 16.76
CA TYR B 192 -33.54 7.07 16.95
C TYR B 192 -33.17 8.04 15.84
N ALA B 193 -34.19 8.57 15.15
CA ALA B 193 -33.97 9.63 14.18
C ALA B 193 -33.45 10.90 14.89
N LEU B 194 -32.37 11.47 14.36
CA LEU B 194 -31.80 12.66 14.99
C LEU B 194 -32.71 13.86 14.73
N ASP B 195 -32.52 14.95 15.48
CA ASP B 195 -33.51 16.01 15.49
C ASP B 195 -33.73 16.65 14.12
N ASN B 196 -32.69 16.78 13.31
CA ASN B 196 -32.82 17.45 12.01
C ASN B 196 -33.63 16.65 10.98
N GLU B 197 -33.97 15.41 11.33
CA GLU B 197 -34.75 14.54 10.43
C GLU B 197 -36.24 14.67 10.63
N ARG B 198 -36.64 15.39 11.68
CA ARG B 198 -38.03 15.45 12.12
C ARG B 198 -38.60 16.87 12.03
N PRO B 199 -39.93 16.98 11.89
CA PRO B 199 -40.91 15.90 11.82
C PRO B 199 -41.28 15.54 10.39
N ALA B 200 -42.00 14.43 10.22
CA ALA B 200 -42.53 14.06 8.91
C ALA B 200 -43.51 15.14 8.47
N HIS B 201 -43.35 15.62 7.23
CA HIS B 201 -44.26 16.62 6.68
C HIS B 201 -44.33 16.48 5.17
N VAL B 202 -45.33 17.11 4.58
CA VAL B 202 -45.56 16.98 3.15
C VAL B 202 -44.96 18.11 2.33
N VAL B 203 -44.26 17.73 1.27
CA VAL B 203 -43.66 18.67 0.33
C VAL B 203 -44.01 18.25 -1.10
N ASP B 204 -44.41 19.22 -1.93
CA ASP B 204 -44.71 18.95 -3.34
C ASP B 204 -43.43 19.13 -4.16
N VAL B 205 -42.97 18.05 -4.77
CA VAL B 205 -41.72 18.07 -5.52
C VAL B 205 -42.04 17.81 -6.98
N PRO B 206 -41.73 18.77 -7.87
CA PRO B 206 -42.00 18.53 -9.29
C PRO B 206 -41.17 17.38 -9.86
N ALA B 207 -41.61 16.86 -10.99
CA ALA B 207 -40.92 15.79 -11.69
C ALA B 207 -39.49 16.18 -12.00
N PHE B 208 -38.59 15.21 -11.86
CA PHE B 208 -37.19 15.40 -12.19
C PHE B 208 -36.59 14.02 -12.45
N ARG B 209 -35.37 14.00 -12.98
CA ARG B 209 -34.66 12.74 -13.21
C ARG B 209 -33.45 12.72 -12.30
N ILE B 210 -33.05 11.53 -11.86
CA ILE B 210 -31.89 11.37 -11.00
C ILE B 210 -31.02 10.24 -11.54
N GLY B 211 -29.72 10.32 -11.29
CA GLY B 211 -28.78 9.33 -11.80
C GLY B 211 -29.09 7.97 -11.22
N ARG B 212 -29.01 6.93 -12.05
CA ARG B 212 -29.25 5.56 -11.60
C ARG B 212 -28.16 5.13 -10.64
N VAL B 213 -26.96 5.61 -10.87
CA VAL B 213 -25.80 5.30 -10.02
C VAL B 213 -24.96 6.53 -9.88
N PRO B 214 -24.08 6.55 -8.88
CA PRO B 214 -23.16 7.68 -8.76
C PRO B 214 -22.25 7.83 -9.96
N VAL B 215 -21.69 9.02 -10.10
CA VAL B 215 -20.65 9.29 -11.07
C VAL B 215 -19.42 8.45 -10.78
N THR B 216 -18.84 7.87 -11.82
CA THR B 216 -17.69 6.97 -11.69
C THR B 216 -16.33 7.65 -11.93
N ASN B 217 -15.27 6.94 -11.55
CA ASN B 217 -13.93 7.42 -11.79
C ASN B 217 -13.64 7.65 -13.29
N ALA B 218 -14.07 6.72 -14.15
CA ALA B 218 -13.84 6.86 -15.58
C ALA B 218 -14.54 8.10 -16.12
N GLU B 219 -15.75 8.36 -15.62
CA GLU B 219 -16.48 9.57 -16.02
C GLU B 219 -15.78 10.83 -15.54
N TRP B 220 -15.24 10.79 -14.31
CA TRP B 220 -14.51 11.94 -13.77
C TRP B 220 -13.24 12.18 -14.60
N ARG B 221 -12.57 11.11 -14.98
CA ARG B 221 -11.38 11.25 -15.82
C ARG B 221 -11.74 11.87 -17.18
N ALA B 222 -12.89 11.54 -17.73
CA ALA B 222 -13.35 12.17 -18.97
C ALA B 222 -13.51 13.69 -18.78
N PHE B 223 -14.06 14.07 -17.64
CA PHE B 223 -14.24 15.47 -17.25
C PHE B 223 -12.87 16.17 -17.20
N ILE B 224 -11.91 15.55 -16.52
CA ILE B 224 -10.55 16.10 -16.45
C ILE B 224 -9.96 16.23 -17.86
N ASP B 225 -10.03 15.17 -18.65
CA ASP B 225 -9.38 15.16 -19.95
C ASP B 225 -10.01 16.15 -20.93
N ASP B 226 -11.28 16.51 -20.69
CA ASP B 226 -11.96 17.47 -21.55
C ASP B 226 -11.75 18.91 -21.07
N GLY B 227 -10.91 19.09 -20.05
CA GLY B 227 -10.54 20.42 -19.58
C GLY B 227 -11.49 20.99 -18.53
N GLY B 228 -12.23 20.12 -17.86
CA GLY B 228 -13.24 20.53 -16.91
C GLY B 228 -12.73 21.46 -15.82
N TYR B 229 -11.51 21.21 -15.32
CA TYR B 229 -10.98 22.07 -14.25
C TYR B 229 -10.40 23.37 -14.79
N ARG B 230 -10.35 23.51 -16.11
CA ARG B 230 -9.73 24.68 -16.73
C ARG B 230 -10.75 25.58 -17.40
N GLN B 231 -12.02 25.18 -17.31
CA GLN B 231 -13.10 25.86 -18.01
C GLN B 231 -14.07 26.54 -17.03
N ARG B 232 -13.97 27.86 -16.97
CA ARG B 232 -14.72 28.69 -16.05
C ARG B 232 -16.23 28.43 -16.04
N ARG B 233 -16.80 28.17 -17.22
CA ARG B 233 -18.26 28.18 -17.36
C ARG B 233 -18.98 27.12 -16.55
N TRP B 234 -18.28 26.05 -16.17
CA TRP B 234 -18.92 24.99 -15.39
C TRP B 234 -19.01 25.30 -13.92
N TRP B 235 -18.24 26.29 -13.45
CA TRP B 235 -18.05 26.51 -12.02
C TRP B 235 -18.86 27.71 -11.50
N SER B 236 -19.27 27.65 -10.23
CA SER B 236 -19.88 28.80 -9.58
C SER B 236 -18.79 29.84 -9.32
N ASP B 237 -19.17 31.09 -9.02
CA ASP B 237 -18.17 32.10 -8.68
C ASP B 237 -17.32 31.64 -7.49
N ALA B 238 -17.98 31.12 -6.45
CA ALA B 238 -17.26 30.68 -5.26
C ALA B 238 -16.42 29.46 -5.57
N GLY B 239 -16.96 28.55 -6.40
CA GLY B 239 -16.27 27.33 -6.74
C GLY B 239 -15.02 27.60 -7.55
N TRP B 240 -15.12 28.51 -8.51
CA TRP B 240 -13.95 28.86 -9.32
C TRP B 240 -12.88 29.53 -8.46
N ALA B 241 -13.30 30.42 -7.57
CA ALA B 241 -12.34 31.06 -6.68
C ALA B 241 -11.61 30.02 -5.81
N TYR B 242 -12.33 29.02 -5.30
CA TYR B 242 -11.69 27.99 -4.48
C TYR B 242 -10.80 27.06 -5.33
N ARG B 243 -11.27 26.68 -6.51
CA ARG B 243 -10.44 25.89 -7.42
C ARG B 243 -9.11 26.60 -7.66
N CYS B 244 -9.19 27.92 -7.84
CA CYS B 244 -8.03 28.78 -8.06
C CYS B 244 -7.12 28.72 -6.83
N GLU B 245 -7.70 28.96 -5.65
CA GLU B 245 -6.88 29.07 -4.43
C GLU B 245 -6.16 27.76 -4.09
N ALA B 246 -6.90 26.67 -4.13
CA ALA B 246 -6.38 25.37 -3.74
C ALA B 246 -5.63 24.66 -4.88
N GLY B 247 -5.78 25.16 -6.09
CA GLY B 247 -5.18 24.54 -7.27
C GLY B 247 -5.74 23.15 -7.56
N LEU B 248 -7.05 23.02 -7.51
CA LEU B 248 -7.69 21.74 -7.72
C LEU B 248 -7.52 21.32 -9.17
N THR B 249 -7.10 20.07 -9.39
CA THR B 249 -6.97 19.52 -10.73
C THR B 249 -7.52 18.11 -10.88
N ALA B 250 -7.92 17.51 -9.77
CA ALA B 250 -8.41 16.11 -9.75
C ALA B 250 -8.92 15.85 -8.35
N PRO B 251 -9.65 14.74 -8.15
CA PRO B 251 -10.04 14.38 -6.79
C PRO B 251 -8.83 14.21 -5.87
N GLN B 252 -9.03 14.37 -4.57
CA GLN B 252 -7.94 14.11 -3.64
C GLN B 252 -7.55 12.65 -3.73
N PHE B 253 -6.26 12.40 -3.50
CA PHE B 253 -5.63 11.06 -3.48
C PHE B 253 -5.40 10.44 -4.85
N TRP B 254 -5.78 11.13 -5.93
CA TRP B 254 -5.38 10.74 -7.28
C TRP B 254 -3.95 11.24 -7.53
N ASN B 255 -3.08 10.34 -7.98
CA ASN B 255 -1.67 10.65 -8.15
C ASN B 255 -1.31 10.88 -9.61
N PRO B 256 -0.22 11.62 -9.85
CA PRO B 256 0.20 11.90 -11.23
C PRO B 256 0.53 10.68 -12.06
N ASP B 257 0.86 9.56 -11.42
CA ASP B 257 1.23 8.38 -12.15
C ASP B 257 0.08 7.45 -12.49
N GLY B 258 -1.15 7.93 -12.32
CA GLY B 258 -2.32 7.17 -12.72
C GLY B 258 -2.87 6.24 -11.65
N THR B 259 -2.31 6.34 -10.46
CA THR B 259 -2.79 5.55 -9.31
C THR B 259 -3.58 6.45 -8.37
N ARG B 260 -4.18 5.85 -7.35
CA ARG B 260 -4.68 6.57 -6.20
C ARG B 260 -4.13 5.93 -4.93
N THR B 261 -4.21 6.66 -3.82
CA THR B 261 -3.71 6.15 -2.54
C THR B 261 -4.87 6.13 -1.56
N ARG B 262 -5.18 4.93 -1.08
CA ARG B 262 -6.38 4.69 -0.28
C ARG B 262 -5.97 3.99 1.01
N PHE B 263 -6.08 4.67 2.14
CA PHE B 263 -5.57 4.14 3.41
C PHE B 263 -4.13 3.69 3.26
N GLY B 264 -3.38 4.45 2.47
CA GLY B 264 -1.96 4.16 2.29
C GLY B 264 -1.67 3.13 1.22
N HIS B 265 -2.71 2.46 0.73
CA HIS B 265 -2.56 1.50 -0.36
C HIS B 265 -2.55 2.22 -1.69
N VAL B 266 -1.46 2.05 -2.44
CA VAL B 266 -1.38 2.61 -3.79
C VAL B 266 -1.95 1.61 -4.79
N GLU B 267 -2.91 2.08 -5.58
CA GLU B 267 -3.69 1.23 -6.48
C GLU B 267 -4.00 1.89 -7.81
N ASP B 268 -4.12 1.06 -8.83
CA ASP B 268 -4.64 1.49 -10.11
C ASP B 268 -6.07 2.00 -9.85
N ILE B 269 -6.48 3.09 -10.47
CA ILE B 269 -7.81 3.65 -10.18
C ILE B 269 -8.85 2.83 -10.92
N PRO B 270 -9.81 2.22 -10.18
CA PRO B 270 -10.82 1.40 -10.85
C PRO B 270 -11.82 2.27 -11.59
N PRO B 271 -12.07 1.98 -12.87
CA PRO B 271 -12.87 2.93 -13.65
C PRO B 271 -14.35 3.02 -13.25
N ASP B 272 -14.89 1.93 -12.73
CA ASP B 272 -16.34 1.82 -12.49
C ASP B 272 -16.75 2.04 -11.04
N GLU B 273 -15.81 2.37 -10.17
CA GLU B 273 -16.16 2.71 -8.79
CA GLU B 273 -16.20 2.68 -8.80
C GLU B 273 -16.64 4.15 -8.76
N PRO B 274 -17.56 4.48 -7.83
CA PRO B 274 -17.96 5.88 -7.66
C PRO B 274 -16.75 6.75 -7.40
N VAL B 275 -16.69 7.92 -8.02
CA VAL B 275 -15.65 8.87 -7.66
C VAL B 275 -15.83 9.30 -6.20
N GLN B 276 -14.72 9.58 -5.53
CA GLN B 276 -14.73 9.89 -4.11
C GLN B 276 -13.72 11.00 -3.85
N HIS B 277 -13.93 11.75 -2.78
CA HIS B 277 -13.02 12.82 -2.35
C HIS B 277 -13.00 13.97 -3.38
N VAL B 278 -14.20 14.46 -3.70
CA VAL B 278 -14.39 15.71 -4.46
C VAL B 278 -15.16 16.70 -3.61
N THR B 279 -14.82 17.99 -3.77
CA THR B 279 -15.55 19.06 -3.12
C THR B 279 -16.94 19.22 -3.71
N TYR B 280 -17.79 19.95 -2.97
CA TYR B 280 -19.07 20.37 -3.51
C TYR B 280 -18.90 21.15 -4.82
N PHE B 281 -17.90 22.01 -4.83
CA PHE B 281 -17.64 22.85 -5.99
C PHE B 281 -17.25 22.03 -7.23
N GLU B 282 -16.42 21.00 -7.03
CA GLU B 282 -16.10 20.08 -8.10
C GLU B 282 -17.35 19.34 -8.57
N ALA B 283 -18.15 18.89 -7.63
CA ALA B 283 -19.39 18.18 -7.95
C ALA B 283 -20.29 19.04 -8.83
N GLU B 284 -20.52 20.30 -8.47
CA GLU B 284 -21.44 21.08 -9.29
C GLU B 284 -20.82 21.39 -10.66
N ALA B 285 -19.50 21.51 -10.72
CA ALA B 285 -18.83 21.75 -12.01
C ALA B 285 -18.95 20.54 -12.94
N TYR B 286 -18.68 19.35 -12.41
CA TYR B 286 -18.87 18.13 -13.19
C TYR B 286 -20.32 18.05 -13.68
N ALA B 287 -21.27 18.30 -12.79
CA ALA B 287 -22.68 18.19 -13.17
C ALA B 287 -23.04 19.12 -14.31
N ALA B 288 -22.54 20.35 -14.25
CA ALA B 288 -22.78 21.34 -15.28
C ALA B 288 -22.17 20.87 -16.60
N TRP B 289 -20.93 20.42 -16.55
CA TRP B 289 -20.25 19.92 -17.75
C TRP B 289 -21.01 18.73 -18.38
N ALA B 290 -21.60 17.89 -17.53
CA ALA B 290 -22.32 16.70 -17.99
C ALA B 290 -23.70 17.00 -18.54
N GLY B 291 -24.13 18.25 -18.43
CA GLY B 291 -25.44 18.67 -18.91
C GLY B 291 -26.53 18.50 -17.88
N ALA B 292 -26.12 18.47 -16.60
CA ALA B 292 -27.01 18.14 -15.50
C ALA B 292 -26.87 19.17 -14.39
N ARG B 293 -27.22 18.77 -13.17
CA ARG B 293 -27.09 19.59 -11.97
C ARG B 293 -27.03 18.66 -10.79
N LEU B 294 -26.81 19.22 -9.61
CA LEU B 294 -26.93 18.44 -8.38
C LEU B 294 -28.40 18.37 -7.95
N PRO B 295 -28.79 17.28 -7.27
CA PRO B 295 -30.12 17.25 -6.67
C PRO B 295 -30.20 18.14 -5.45
N THR B 296 -31.39 18.65 -5.13
CA THR B 296 -31.61 19.16 -3.78
C THR B 296 -31.71 17.96 -2.84
N GLU B 297 -31.56 18.18 -1.54
CA GLU B 297 -31.67 17.05 -0.61
C GLU B 297 -33.10 16.54 -0.54
N ILE B 298 -34.06 17.40 -0.89
CA ILE B 298 -35.47 16.98 -0.84
C ILE B 298 -35.77 16.07 -2.02
N GLU B 299 -35.25 16.44 -3.19
CA GLU B 299 -35.31 15.60 -4.37
C GLU B 299 -34.64 14.27 -4.07
N TRP B 300 -33.49 14.35 -3.40
CA TRP B 300 -32.71 13.14 -3.10
C TRP B 300 -33.53 12.19 -2.22
N GLU B 301 -34.08 12.72 -1.13
CA GLU B 301 -34.85 11.86 -0.23
C GLU B 301 -36.09 11.27 -0.90
N LYS B 302 -36.74 12.02 -1.79
CA LYS B 302 -37.91 11.49 -2.47
C LYS B 302 -37.52 10.32 -3.36
N ALA B 303 -36.44 10.50 -4.08
CA ALA B 303 -35.93 9.45 -4.96
C ALA B 303 -35.56 8.21 -4.14
N CYS B 304 -35.03 8.42 -2.95
CA CYS B 304 -34.65 7.31 -2.09
C CYS B 304 -35.84 6.57 -1.48
N ALA B 305 -36.73 7.31 -0.83
CA ALA B 305 -37.71 6.71 0.09
C ALA B 305 -39.13 6.59 -0.44
N TRP B 306 -39.50 7.36 -1.46
CA TRP B 306 -40.89 7.38 -1.90
C TRP B 306 -41.20 6.27 -2.92
N ASP B 307 -42.39 5.66 -2.78
CA ASP B 307 -42.86 4.65 -3.70
C ASP B 307 -44.10 5.20 -4.40
N PRO B 308 -43.95 5.66 -5.66
CA PRO B 308 -45.08 6.22 -6.41
C PRO B 308 -46.23 5.25 -6.58
N ALA B 309 -45.92 3.95 -6.61
CA ALA B 309 -46.95 2.94 -6.88
C ALA B 309 -47.90 2.77 -5.71
N THR B 310 -47.42 3.06 -4.51
CA THR B 310 -48.21 2.92 -3.29
C THR B 310 -48.53 4.28 -2.65
N GLY B 311 -47.79 5.32 -3.04
CA GLY B 311 -47.90 6.60 -2.37
C GLY B 311 -47.51 6.50 -0.91
N ARG B 312 -46.47 5.72 -0.64
CA ARG B 312 -45.98 5.48 0.71
C ARG B 312 -44.48 5.65 0.77
N ARG B 313 -43.97 5.99 1.96
CA ARG B 313 -42.55 5.94 2.25
C ARG B 313 -42.12 4.51 2.55
N ARG B 314 -40.92 4.15 2.08
CA ARG B 314 -40.25 2.93 2.49
C ARG B 314 -39.25 3.24 3.59
N ARG B 315 -38.96 2.26 4.45
CA ARG B 315 -37.96 2.48 5.49
C ARG B 315 -36.56 2.66 4.91
N TYR B 316 -36.24 1.85 3.89
CA TYR B 316 -34.98 1.88 3.13
C TYR B 316 -35.36 1.89 1.66
N PRO B 317 -34.43 2.22 0.75
CA PRO B 317 -34.89 2.33 -0.64
C PRO B 317 -35.52 1.05 -1.16
N TRP B 318 -35.05 -0.10 -0.69
CA TRP B 318 -35.54 -1.41 -1.14
C TRP B 318 -36.83 -1.86 -0.47
N GLY B 319 -37.22 -1.21 0.63
CA GLY B 319 -38.34 -1.69 1.44
C GLY B 319 -37.99 -1.70 2.91
N ASP B 320 -38.50 -2.68 3.67
CA ASP B 320 -38.34 -2.63 5.12
C ASP B 320 -37.27 -3.61 5.65
N ALA B 321 -36.71 -4.44 4.79
CA ALA B 321 -35.67 -5.39 5.22
C ALA B 321 -34.45 -4.69 5.81
N ALA B 322 -33.91 -5.26 6.87
CA ALA B 322 -32.72 -4.72 7.50
C ALA B 322 -31.56 -4.74 6.50
N PRO B 323 -30.69 -3.72 6.51
CA PRO B 323 -29.58 -3.77 5.55
C PRO B 323 -28.76 -5.04 5.72
N THR B 324 -28.31 -5.59 4.59
CA THR B 324 -27.41 -6.74 4.57
C THR B 324 -26.29 -6.45 3.58
N ALA B 325 -25.25 -7.27 3.60
CA ALA B 325 -24.18 -7.20 2.61
C ALA B 325 -24.70 -7.40 1.18
N ALA B 326 -25.86 -8.04 1.07
CA ALA B 326 -26.49 -8.26 -0.23
C ALA B 326 -27.18 -7.01 -0.77
N LEU B 327 -27.52 -6.08 0.13
CA LEU B 327 -28.32 -4.90 -0.24
C LEU B 327 -27.52 -3.62 -0.38
N ALA B 328 -26.46 -3.48 0.41
CA ALA B 328 -25.69 -2.26 0.36
C ALA B 328 -24.31 -2.49 0.94
N ASN B 329 -23.42 -1.55 0.62
CA ASN B 329 -22.06 -1.50 1.12
C ASN B 329 -21.96 -0.50 2.27
N LEU B 330 -22.02 -1.02 3.49
CA LEU B 330 -22.04 -0.23 4.72
C LEU B 330 -21.12 -0.84 5.77
N GLY B 331 -20.82 -0.06 6.82
CA GLY B 331 -20.24 -0.65 8.02
C GLY B 331 -18.72 -0.54 8.15
N GLY B 332 -18.04 -0.15 7.08
CA GLY B 332 -16.62 0.17 7.15
C GLY B 332 -15.63 -0.89 6.68
N ASP B 333 -16.04 -2.13 6.51
CA ASP B 333 -15.07 -3.19 6.27
C ASP B 333 -14.44 -3.15 4.87
N ALA B 334 -15.13 -2.57 3.88
CA ALA B 334 -14.60 -2.58 2.52
C ALA B 334 -13.55 -1.48 2.28
N LEU B 335 -13.61 -0.41 3.06
CA LEU B 335 -12.66 0.70 2.96
C LEU B 335 -12.68 1.36 1.58
N ARG B 336 -13.79 1.16 0.87
CA ARG B 336 -13.98 1.75 -0.46
C ARG B 336 -15.41 1.55 -0.91
N PRO B 337 -15.86 2.35 -1.90
CA PRO B 337 -17.16 2.13 -2.53
C PRO B 337 -17.12 0.97 -3.52
N ALA B 338 -18.27 0.35 -3.75
CA ALA B 338 -18.38 -0.76 -4.68
C ALA B 338 -18.61 -0.28 -6.12
N PRO B 339 -18.21 -1.10 -7.10
CA PRO B 339 -18.49 -0.76 -8.51
C PRO B 339 -19.96 -0.43 -8.75
N VAL B 340 -20.23 0.54 -9.61
CA VAL B 340 -21.62 0.87 -9.90
C VAL B 340 -22.36 -0.30 -10.52
N GLY B 341 -23.58 -0.50 -10.05
CA GLY B 341 -24.40 -1.62 -10.48
C GLY B 341 -24.25 -2.88 -9.65
N ALA B 342 -23.45 -2.81 -8.59
CA ALA B 342 -23.18 -3.98 -7.74
C ALA B 342 -24.33 -4.39 -6.82
N TYR B 343 -25.29 -3.50 -6.61
CA TYR B 343 -26.39 -3.76 -5.67
C TYR B 343 -27.78 -3.53 -6.27
N PRO B 344 -28.13 -4.30 -7.29
CA PRO B 344 -29.43 -4.08 -7.92
C PRO B 344 -30.60 -4.27 -6.92
N ALA B 345 -30.43 -5.10 -5.90
CA ALA B 345 -31.51 -5.36 -4.94
C ALA B 345 -31.72 -4.22 -3.96
N GLY B 346 -30.76 -3.30 -3.91
CA GLY B 346 -30.82 -2.14 -3.01
C GLY B 346 -31.50 -0.95 -3.63
N ALA B 347 -32.03 -1.11 -4.84
CA ALA B 347 -32.60 -0.01 -5.59
C ALA B 347 -33.83 0.58 -4.92
N SER B 348 -34.02 1.87 -5.09
CA SER B 348 -35.23 2.56 -4.65
C SER B 348 -36.37 2.23 -5.58
N ALA B 349 -37.58 2.66 -5.23
CA ALA B 349 -38.75 2.33 -6.03
C ALA B 349 -38.64 2.89 -7.47
N CYS B 350 -38.03 4.06 -7.62
CA CYS B 350 -37.86 4.67 -8.94
C CYS B 350 -36.67 4.08 -9.72
N GLY B 351 -35.88 3.24 -9.06
CA GLY B 351 -34.80 2.53 -9.72
C GLY B 351 -33.41 3.09 -9.47
N ALA B 352 -33.31 4.08 -8.59
CA ALA B 352 -32.00 4.65 -8.27
C ALA B 352 -31.25 3.68 -7.36
N GLU B 353 -30.03 3.34 -7.76
CA GLU B 353 -29.24 2.32 -7.04
C GLU B 353 -28.11 2.94 -6.24
N GLN B 354 -27.73 2.23 -5.17
CA GLN B 354 -26.64 2.60 -4.28
C GLN B 354 -26.86 3.95 -3.61
N MET B 355 -28.13 4.26 -3.33
CA MET B 355 -28.47 5.49 -2.61
CA MET B 355 -28.43 5.51 -2.63
C MET B 355 -27.96 5.41 -1.17
N LEU B 356 -28.12 4.25 -0.55
CA LEU B 356 -27.55 4.03 0.77
C LEU B 356 -26.21 3.32 0.63
N GLY B 357 -25.22 3.81 1.36
CA GLY B 357 -23.88 3.27 1.33
C GLY B 357 -23.07 3.75 0.16
N ASP B 358 -21.86 3.21 0.03
CA ASP B 358 -20.87 3.56 -0.99
C ASP B 358 -20.28 4.98 -0.82
N VAL B 359 -20.92 6.05 -1.30
CA VAL B 359 -20.39 7.40 -1.05
C VAL B 359 -21.48 8.34 -0.54
N TRP B 360 -21.10 9.24 0.38
CA TRP B 360 -21.99 10.35 0.71
C TRP B 360 -22.18 11.15 -0.57
N GLU B 361 -23.41 11.57 -0.84
CA GLU B 361 -23.70 12.28 -2.08
C GLU B 361 -24.02 13.76 -1.83
N TRP B 362 -23.26 14.64 -2.46
CA TRP B 362 -23.51 16.08 -2.34
C TRP B 362 -24.89 16.47 -2.86
N THR B 363 -25.54 17.40 -2.15
CA THR B 363 -26.75 18.05 -2.63
C THR B 363 -26.55 19.54 -2.58
N SER B 364 -27.44 20.28 -3.22
CA SER B 364 -27.33 21.72 -3.31
C SER B 364 -28.00 22.44 -2.14
N SER B 365 -28.48 21.67 -1.16
CA SER B 365 -29.25 22.22 -0.05
C SER B 365 -28.35 22.61 1.11
N PRO B 366 -28.48 23.85 1.60
CA PRO B 366 -27.89 24.13 2.92
C PRO B 366 -28.69 23.42 4.00
N LEU B 367 -28.12 23.22 5.18
CA LEU B 367 -28.88 22.66 6.28
C LEU B 367 -29.94 23.65 6.77
N ARG B 368 -31.20 23.19 6.79
CA ARG B 368 -32.34 23.96 7.28
C ARG B 368 -33.25 23.09 8.13
N PRO B 369 -33.90 23.67 9.14
CA PRO B 369 -34.83 22.85 9.91
C PRO B 369 -36.11 22.54 9.12
N TRP B 370 -36.63 21.32 9.29
CA TRP B 370 -37.96 21.06 8.77
C TRP B 370 -38.94 21.85 9.60
N PRO B 371 -40.12 22.17 9.03
CA PRO B 371 -41.16 22.83 9.82
C PRO B 371 -41.54 22.00 11.04
N GLY B 372 -41.46 22.59 12.22
CA GLY B 372 -41.75 21.90 13.47
C GLY B 372 -40.53 21.27 14.13
N PHE B 373 -39.35 21.49 13.57
CA PHE B 373 -38.10 21.03 14.20
C PHE B 373 -38.03 21.39 15.67
N THR B 374 -37.52 20.48 16.48
CA THR B 374 -37.25 20.77 17.88
C THR B 374 -35.95 20.04 18.25
N PRO B 375 -35.04 20.70 18.99
CA PRO B 375 -33.73 20.08 19.23
C PRO B 375 -33.78 18.86 20.16
N MET B 376 -32.86 17.93 19.95
CA MET B 376 -32.74 16.78 20.82
C MET B 376 -31.85 17.17 22.01
N ILE B 377 -31.58 16.22 22.90
CA ILE B 377 -30.94 16.52 24.17
C ILE B 377 -29.56 17.17 23.93
N TYR B 378 -28.87 16.69 22.90
CA TYR B 378 -27.67 17.32 22.35
C TYR B 378 -28.06 18.49 21.45
N GLN B 379 -28.37 19.64 22.08
CA GLN B 379 -29.01 20.76 21.38
C GLN B 379 -28.11 21.42 20.34
N ARG B 380 -26.80 21.37 20.54
CA ARG B 380 -25.86 21.98 19.59
C ARG B 380 -25.45 21.07 18.42
N TYR B 381 -26.12 19.93 18.27
CA TYR B 381 -25.75 19.00 17.21
C TYR B 381 -26.08 19.57 15.82
N SER B 382 -27.28 20.13 15.66
CA SER B 382 -27.74 20.65 14.37
C SER B 382 -27.84 22.16 14.31
N GLN B 383 -28.41 22.75 15.36
CA GLN B 383 -28.84 24.14 15.33
C GLN B 383 -27.74 25.12 14.94
N PRO B 384 -26.50 24.90 15.41
CA PRO B 384 -25.49 25.93 15.10
C PRO B 384 -25.15 26.02 13.61
N PHE B 385 -25.58 25.03 12.84
CA PHE B 385 -25.13 24.87 11.46
C PHE B 385 -26.25 25.11 10.46
N PHE B 386 -27.44 25.47 10.95
CA PHE B 386 -28.52 25.87 10.05
C PHE B 386 -28.08 27.11 9.26
N GLU B 387 -28.59 27.22 8.04
CA GLU B 387 -28.31 28.39 7.20
C GLU B 387 -28.59 29.68 7.98
N GLY B 388 -27.59 30.56 8.05
CA GLY B 388 -27.74 31.84 8.72
C GLY B 388 -27.62 31.78 10.23
N ALA B 389 -27.26 30.61 10.76
CA ALA B 389 -27.03 30.45 12.20
C ALA B 389 -25.72 31.12 12.61
N GLY B 390 -24.84 31.35 11.63
CA GLY B 390 -23.60 32.10 11.84
C GLY B 390 -22.34 31.28 11.73
N SER B 391 -22.47 29.96 11.63
CA SER B 391 -21.30 29.07 11.64
C SER B 391 -20.67 28.88 10.26
N GLY B 392 -21.20 29.57 9.26
CA GLY B 392 -20.63 29.52 7.93
C GLY B 392 -21.51 28.82 6.91
N ASP B 393 -20.90 28.42 5.80
CA ASP B 393 -21.61 27.84 4.66
C ASP B 393 -21.49 26.33 4.68
N TYR B 394 -22.63 25.67 4.62
CA TYR B 394 -22.66 24.20 4.59
C TYR B 394 -23.56 23.72 3.45
N ARG B 395 -23.25 22.54 2.93
CA ARG B 395 -24.15 21.83 2.03
C ARG B 395 -24.38 20.44 2.58
N VAL B 396 -25.60 19.96 2.39
CA VAL B 396 -26.01 18.67 2.92
C VAL B 396 -25.55 17.56 1.98
N LEU B 397 -25.09 16.46 2.58
CA LEU B 397 -24.81 15.22 1.87
C LEU B 397 -25.71 14.12 2.36
N ARG B 398 -26.08 13.20 1.47
CA ARG B 398 -27.05 12.16 1.80
C ARG B 398 -26.59 10.74 1.48
N GLY B 399 -27.24 9.79 2.15
CA GLY B 399 -27.18 8.38 1.76
C GLY B 399 -26.14 7.53 2.47
N GLY B 400 -25.21 8.16 3.17
CA GLY B 400 -24.13 7.44 3.81
C GLY B 400 -23.07 6.96 2.83
N SER B 401 -21.90 6.71 3.36
CA SER B 401 -20.81 6.09 2.63
C SER B 401 -20.61 4.63 3.04
N TRP B 402 -19.60 4.00 2.43
CA TRP B 402 -19.19 2.64 2.78
C TRP B 402 -18.78 2.52 4.27
N ALA B 403 -18.50 3.66 4.88
CA ALA B 403 -18.00 3.70 6.25
C ALA B 403 -19.12 3.77 7.30
N VAL B 404 -20.34 4.02 6.85
CA VAL B 404 -21.43 4.29 7.79
C VAL B 404 -22.07 3.00 8.28
N ALA B 405 -22.26 2.90 9.59
CA ALA B 405 -22.89 1.74 10.17
C ALA B 405 -24.37 1.67 9.78
N ALA B 406 -24.81 0.48 9.38
CA ALA B 406 -26.20 0.28 9.01
C ALA B 406 -27.11 0.69 10.15
N ASP B 407 -26.68 0.45 11.39
CA ASP B 407 -27.51 0.75 12.57
C ASP B 407 -27.91 2.22 12.69
N ILE B 408 -27.13 3.12 12.10
CA ILE B 408 -27.34 4.56 12.31
C ILE B 408 -27.82 5.31 11.09
N LEU B 409 -28.14 4.57 10.02
CA LEU B 409 -28.43 5.17 8.71
C LEU B 409 -29.88 4.99 8.29
N ARG B 410 -30.46 6.07 7.80
CA ARG B 410 -31.84 6.12 7.29
C ARG B 410 -31.82 7.01 6.05
N PRO B 411 -32.79 6.85 5.16
CA PRO B 411 -32.93 7.81 4.05
C PRO B 411 -33.04 9.24 4.51
N SER B 412 -33.66 9.45 5.68
CA SER B 412 -33.81 10.81 6.23
C SER B 412 -32.56 11.37 6.89
N PHE B 413 -31.52 10.57 7.07
CA PHE B 413 -30.31 11.08 7.73
C PHE B 413 -29.67 12.22 6.95
N ARG B 414 -29.26 13.27 7.65
CA ARG B 414 -28.64 14.45 7.02
C ARG B 414 -27.20 14.67 7.51
N ASN B 415 -26.22 14.50 6.62
CA ASN B 415 -24.84 14.89 6.85
C ASN B 415 -24.68 16.30 6.29
N TRP B 416 -23.63 17.00 6.67
CA TRP B 416 -23.35 18.29 6.04
C TRP B 416 -21.90 18.63 6.24
N ASP B 417 -21.39 19.51 5.40
CA ASP B 417 -20.05 20.02 5.60
C ASP B 417 -19.83 21.26 4.78
N HIS B 418 -18.72 21.92 5.04
CA HIS B 418 -18.31 23.04 4.23
C HIS B 418 -18.07 22.56 2.81
N PRO B 419 -18.46 23.36 1.81
CA PRO B 419 -18.30 22.89 0.42
C PRO B 419 -16.84 22.63 0.01
N ILE B 420 -15.88 23.18 0.75
CA ILE B 420 -14.46 23.00 0.40
C ILE B 420 -13.89 21.67 0.95
N ARG B 421 -14.69 20.90 1.68
CA ARG B 421 -14.18 19.65 2.30
C ARG B 421 -14.25 18.47 1.35
N ARG B 422 -13.16 17.71 1.29
CA ARG B 422 -13.20 16.51 0.44
C ARG B 422 -12.40 15.33 1.02
N GLN B 423 -11.96 15.44 2.27
CA GLN B 423 -11.33 14.30 2.95
C GLN B 423 -12.42 13.34 3.41
N ILE B 424 -13.66 13.85 3.43
CA ILE B 424 -14.84 13.07 3.69
C ILE B 424 -15.09 12.12 2.52
N PHE B 425 -15.79 11.02 2.80
CA PHE B 425 -16.00 9.99 1.78
C PHE B 425 -17.22 10.32 0.93
N ALA B 426 -17.01 11.32 0.05
CA ALA B 426 -18.09 11.99 -0.64
C ALA B 426 -17.92 11.88 -2.13
N GLY B 427 -19.04 11.69 -2.79
CA GLY B 427 -19.10 11.61 -4.24
C GLY B 427 -20.28 12.36 -4.80
N VAL B 428 -20.74 11.93 -5.98
CA VAL B 428 -21.68 12.70 -6.78
C VAL B 428 -22.74 11.85 -7.44
N ARG B 429 -23.99 12.29 -7.34
CA ARG B 429 -25.07 11.74 -8.15
C ARG B 429 -25.75 12.90 -8.87
N LEU B 430 -26.00 12.74 -10.16
CA LEU B 430 -26.62 13.78 -10.96
C LEU B 430 -28.12 13.85 -10.83
N ALA B 431 -28.65 15.03 -11.18
CA ALA B 431 -30.08 15.22 -11.38
C ALA B 431 -30.29 16.07 -12.62
N TRP B 432 -31.48 15.94 -13.21
CA TRP B 432 -31.87 16.72 -14.39
C TRP B 432 -33.29 17.24 -14.22
N ASP B 433 -33.54 18.45 -14.75
CA ASP B 433 -34.89 18.97 -14.84
C ASP B 433 -35.67 18.17 -15.88
N VAL B 434 -36.99 18.15 -15.71
CA VAL B 434 -37.88 17.62 -16.74
C VAL B 434 -38.78 18.75 -17.25
C1 GOL C . 26.69 -24.34 -19.87
O1 GOL C . 28.00 -23.95 -20.23
C2 GOL C . 26.73 -25.58 -19.01
O2 GOL C . 27.63 -25.36 -17.94
C3 GOL C . 25.35 -25.94 -18.48
O3 GOL C . 24.53 -26.42 -19.52
H11 GOL C . 26.18 -24.53 -20.68
H12 GOL C . 26.25 -23.62 -19.38
HO1 GOL C . 27.96 -23.25 -20.75
H2 GOL C . 27.07 -26.33 -19.54
HO2 GOL C . 27.34 -24.67 -17.45
H31 GOL C . 24.95 -25.14 -18.10
H32 GOL C . 25.44 -26.62 -17.80
HO3 GOL C . 24.99 -26.44 -20.28
C1 GOL D . 22.35 -9.52 -12.75
O1 GOL D . 21.27 -9.47 -11.86
C2 GOL D . 22.90 -8.12 -12.97
O2 GOL D . 23.04 -7.46 -11.75
C3 GOL D . 21.91 -7.39 -13.85
O3 GOL D . 22.56 -6.29 -14.42
H11 GOL D . 22.02 -9.86 -13.59
H12 GOL D . 23.05 -10.11 -12.41
HO1 GOL D . 20.93 -10.29 -11.75
H2 GOL D . 23.77 -8.19 -13.43
HO2 GOL D . 23.34 -6.63 -11.90
H31 GOL D . 21.16 -7.07 -13.30
H32 GOL D . 21.59 -7.98 -14.55
HO3 GOL D . 23.12 -6.58 -15.05
C1 GOL E . 21.10 -8.41 -8.35
O1 GOL E . 20.41 -9.32 -9.24
C2 GOL E . 20.65 -6.98 -8.62
O2 GOL E . 21.00 -6.63 -9.96
C3 GOL E . 21.28 -6.00 -7.65
O3 GOL E . 22.69 -6.08 -7.66
H11 GOL E . 22.06 -8.47 -8.50
H12 GOL E . 20.89 -8.65 -7.42
HO1 GOL E . 20.70 -10.14 -9.10
H2 GOL E . 19.68 -6.92 -8.54
HO2 GOL E . 20.73 -5.80 -10.12
H31 GOL E . 20.96 -6.21 -6.75
H32 GOL E . 21.01 -5.09 -7.88
HO3 GOL E . 22.97 -6.37 -8.45
C1 GOL F . 32.55 -33.11 3.90
O1 GOL F . 32.55 -34.35 3.25
C2 GOL F . 31.39 -33.00 4.88
O2 GOL F . 31.53 -34.01 5.91
C3 GOL F . 31.35 -31.66 5.59
O3 GOL F . 30.14 -31.57 6.32
H11 GOL F . 32.46 -32.41 3.23
H12 GOL F . 33.39 -32.98 4.38
HO1 GOL F . 33.23 -34.38 2.67
H2 GOL F . 30.55 -33.14 4.42
HO2 GOL F . 31.99 -34.69 5.58
H31 GOL F . 31.39 -30.95 4.93
H32 GOL F . 32.11 -31.59 6.20
HO3 GOL F . 30.18 -30.88 6.87
C1 GOL G . 30.66 -2.60 -10.91
O1 GOL G . 30.30 -1.61 -11.83
C2 GOL G . 29.44 -3.36 -10.41
O2 GOL G . 29.50 -4.59 -11.09
C3 GOL G . 29.53 -3.59 -8.92
O3 GOL G . 28.37 -4.16 -8.35
H11 GOL G . 31.08 -2.17 -10.15
H12 GOL G . 31.28 -3.22 -11.32
HO1 GOL G . 31.02 -1.13 -12.03
H2 GOL G . 28.62 -2.88 -10.64
HO2 GOL G . 30.26 -5.00 -10.92
H31 GOL G . 29.70 -2.74 -8.48
H32 GOL G . 30.29 -4.18 -8.74
HO3 GOL G . 28.58 -4.90 -7.91
CL CL H . 23.64 0.52 -13.14
MG MG I . 43.38 -20.96 17.45
FE FE J . 19.34 -0.94 -15.23
CA CA K . 20.57 -17.00 -0.57
C1 GOL L . -21.64 17.53 10.18
C1 GOL L . -21.17 15.55 11.82
O1 GOL L . -20.34 17.89 9.77
O1 GOL L . -21.77 16.15 12.92
C2 GOL L . -21.79 16.03 10.39
C2 GOL L . -21.89 15.90 10.54
O2 GOL L . -20.92 15.60 11.41
O2 GOL L . -21.77 17.27 10.30
C3 GOL L . -23.21 15.65 10.75
C3 GOL L . -23.35 15.54 10.67
O3 GOL L . -23.39 14.26 10.65
O3 GOL L . -23.48 14.14 10.72
H11 GOL L . -22.27 17.80 9.49
H11 GOL L . -20.25 15.89 11.75
H12 GOL L . -21.87 17.99 11.01
H12 GOL L . -21.15 14.59 11.93
HO1 GOL L . -20.31 18.76 9.60
HO1 GOL L . -21.35 15.89 13.66
H2 GOL L . -21.53 15.56 9.57
H2 GOL L . -21.49 15.40 9.81
HO2 GOL L . -21.20 15.94 12.19
HO2 GOL L . -22.19 17.48 9.55
H31 GOL L . -23.82 16.10 10.15
H31 GOL L . -23.83 15.87 9.89
H32 GOL L . -23.40 15.94 11.67
H32 GOL L . -23.71 15.94 11.47
HO3 GOL L . -23.30 13.88 11.45
HO3 GOL L . -23.34 13.86 11.55
C1 GOL M . -21.04 11.79 9.01
O1 GOL M . -22.42 11.75 9.43
C2 GOL M . -20.12 11.58 10.20
O2 GOL M . -20.31 12.61 11.13
C3 GOL M . -18.65 11.53 9.79
O3 GOL M . -18.28 12.65 9.04
H11 GOL M . -20.85 12.67 8.62
H12 GOL M . -20.88 11.10 8.34
HO1 GOL M . -22.95 11.97 8.74
H2 GOL M . -20.36 10.73 10.63
HO2 GOL M . -19.78 12.47 11.83
H31 GOL M . -18.50 10.72 9.26
H32 GOL M . -18.11 11.48 10.60
HO3 GOL M . -18.60 12.57 8.21
C1 GOL N . -38.87 21.65 3.24
O1 GOL N . -39.60 21.50 4.43
C2 GOL N . -37.60 22.44 3.48
O2 GOL N . -37.28 23.14 2.30
C3 GOL N . -37.78 23.45 4.57
O3 GOL N . -36.76 24.42 4.46
H11 GOL N . -39.41 22.11 2.59
H12 GOL N . -38.64 20.77 2.91
HO1 GOL N . -40.44 21.28 4.24
H2 GOL N . -36.86 21.84 3.70
HO2 GOL N . -37.91 23.73 2.12
H31 GOL N . -37.73 23.02 5.44
H32 GOL N . -38.65 23.89 4.47
HO3 GOL N . -36.93 24.93 3.75
C1 GOL O . -10.58 6.03 -14.60
O1 GOL O . -10.67 4.88 -15.39
C2 GOL O . -9.17 6.15 -14.08
O2 GOL O . -8.25 5.94 -15.13
C3 GOL O . -8.97 7.51 -13.48
O3 GOL O . -7.98 8.20 -14.16
H11 GOL O . -11.19 5.95 -13.85
H12 GOL O . -10.81 6.82 -15.12
HO1 GOL O . -11.48 4.85 -15.78
H2 GOL O . -9.03 5.48 -13.40
HO2 GOL O . -8.39 6.56 -15.77
H31 GOL O . -8.71 7.41 -12.54
H32 GOL O . -9.80 8.01 -13.53
HO3 GOL O . -7.24 8.25 -13.66
C1 GOL P . -7.20 20.78 -1.72
O1 GOL P . -5.91 21.03 -2.21
C2 GOL P . -7.18 19.82 -0.54
O2 GOL P . -8.46 19.19 -0.44
C3 GOL P . -6.08 18.80 -0.71
O3 GOL P . -6.20 18.10 -1.93
H11 GOL P . -7.75 20.39 -2.43
H12 GOL P . -7.60 21.61 -1.43
HO1 GOL P . -5.98 21.55 -2.94
H2 GOL P . -7.01 20.34 0.26
HO2 GOL P . -8.39 18.36 -0.74
H31 GOL P . -6.12 18.17 0.03
H32 GOL P . -5.22 19.26 -0.70
HO3 GOL P . -6.64 17.34 -1.80
CL CL Q . -14.88 16.55 16.42
MG MG R . -5.46 2.75 -14.59
FE FE S . -18.53 14.31 18.89
CA CA T . -24.82 6.83 -0.82
#